data_9B4K
#
_entry.id   9B4K
#
_cell.length_a   1.00
_cell.length_b   1.00
_cell.length_c   1.00
_cell.angle_alpha   90.00
_cell.angle_beta   90.00
_cell.angle_gamma   90.00
#
_symmetry.space_group_name_H-M   'P 1'
#
_entity_poly.entity_id   1
_entity_poly.type   'polypeptide(D)'
_entity_poly.pdbx_seq_one_letter_code
;(DTH)(DLE)(DLY)(DIL)(DVA)(DTR)(DAR)
;
_entity_poly.pdbx_strand_id   A,B,C,D,E,F,G,H,I,J,K,L,M,N,O,P,Q,R,S,T,U,V,W,X,Y,Z,0,1,2,3,4,5,6,7,8,9,a,b,c,d,e,f,g,h,i,j,k,l,m,n,o,p
#
# COMPACT_ATOMS: atom_id res chain seq x y z
N DTH A 1 13.45 -4.75 16.55
CA DTH A 1 12.82 -4.01 15.47
CB DTH A 1 11.54 -3.31 15.95
CG2 DTH A 1 11.03 -2.34 14.89
OG1 DTH A 1 11.82 -2.58 17.15
C DTH A 1 12.46 -4.92 14.31
O DTH A 1 11.70 -5.87 14.48
N DLE A 2 13.01 -4.65 13.14
CA DLE A 2 12.67 -5.37 11.93
CB DLE A 2 13.88 -6.06 11.32
CG DLE A 2 13.63 -6.61 9.91
CD1 DLE A 2 12.80 -7.86 9.96
CD2 DLE A 2 14.94 -6.86 9.19
C DLE A 2 12.09 -4.38 10.94
O DLE A 2 12.76 -3.39 10.59
N DLY A 3 10.86 -4.61 10.52
CA DLY A 3 10.24 -3.83 9.47
C DLY A 3 9.84 -4.78 8.35
O DLY A 3 9.10 -5.74 8.58
CB DLY A 3 9.02 -3.07 9.96
CG DLY A 3 8.20 -2.48 8.84
CD DLY A 3 6.89 -1.90 9.35
CE DLY A 3 5.94 -1.55 8.21
NZ DLY A 3 6.46 -0.45 7.37
N DIL A 4 10.34 -4.52 7.15
CA DIL A 4 9.93 -5.24 5.96
C DIL A 4 9.51 -4.21 4.93
O DIL A 4 10.24 -3.25 4.66
CB DIL A 4 11.05 -6.13 5.40
CG1 DIL A 4 10.76 -6.48 3.95
CG2 DIL A 4 12.38 -5.45 5.53
CD1 DIL A 4 11.87 -7.25 3.28
N DVA A 5 8.32 -4.38 4.37
CA DVA A 5 7.83 -3.55 3.28
CB DVA A 5 6.67 -2.64 3.72
CG1 DVA A 5 5.87 -3.34 4.80
CG2 DVA A 5 5.79 -2.30 2.55
C DVA A 5 7.40 -4.47 2.15
O DVA A 5 6.67 -5.45 2.39
N DTR A 6 7.84 -4.17 0.95
CA DTR A 6 7.31 -4.78 -0.27
CB DTR A 6 8.37 -5.57 -1.02
CG DTR A 6 7.93 -5.97 -2.37
CD1 DTR A 6 7.28 -7.11 -2.71
NE1 DTR A 6 7.02 -7.13 -4.06
CE2 DTR A 6 7.52 -5.98 -4.62
CZ2 DTR A 6 7.52 -5.55 -5.94
CH2 DTR A 6 8.10 -4.34 -6.21
CZ3 DTR A 6 8.67 -3.57 -5.20
CE3 DTR A 6 8.69 -4.00 -3.90
CD2 DTR A 6 8.10 -5.22 -3.58
C DTR A 6 6.75 -3.67 -1.14
O DTR A 6 7.44 -2.68 -1.41
N DAR A 7 5.51 -3.83 -1.58
CA DAR A 7 4.85 -2.81 -2.39
CB DAR A 7 3.97 -1.90 -1.52
CG DAR A 7 2.68 -2.53 -1.04
CD DAR A 7 1.67 -1.50 -0.55
NE DAR A 7 2.14 -0.77 0.61
CZ DAR A 7 2.46 0.51 0.63
NH1 DAR A 7 2.34 1.26 -0.46
NH2 DAR A 7 2.90 1.07 1.75
C DAR A 7 4.02 -3.44 -3.48
O DAR A 7 4.11 -4.64 -3.74
OXT DAR A 7 3.24 -2.77 -4.16
N DTH B 1 2.38 -5.66 -1.91
CA DTH B 1 2.41 -6.96 -1.25
CB DTH B 1 1.24 -7.09 -0.28
CG2 DTH B 1 -0.02 -6.57 -0.93
OG1 DTH B 1 1.50 -6.34 0.91
C DTH B 1 3.70 -7.12 -0.46
O DTH B 1 4.60 -6.29 -0.55
N DLE B 2 3.81 -8.24 0.25
CA DLE B 2 4.99 -8.53 1.06
CB DLE B 2 5.65 -9.84 0.64
CG DLE B 2 7.13 -10.06 0.93
CD1 DLE B 2 7.51 -11.49 0.58
CD2 DLE B 2 7.52 -9.76 2.38
C DLE B 2 4.54 -8.61 2.51
O DLE B 2 3.83 -9.53 2.89
N DLY B 3 5.01 -7.65 3.31
CA DLY B 3 4.76 -7.66 4.75
C DLY B 3 6.10 -7.62 5.46
O DLY B 3 6.89 -6.69 5.25
CB DLY B 3 3.89 -6.48 5.16
CG DLY B 3 3.85 -6.24 6.64
CD DLY B 3 2.84 -5.15 6.97
CE DLY B 3 2.69 -4.97 8.47
NZ DLY B 3 1.59 -4.04 8.81
N DIL B 4 6.33 -8.59 6.34
CA DIL B 4 7.51 -8.62 7.20
C DIL B 4 7.04 -8.68 8.64
O DIL B 4 6.28 -9.60 9.00
CB DIL B 4 8.43 -9.79 6.88
CG1 DIL B 4 9.21 -9.53 5.59
CG2 DIL B 4 9.39 -10.04 8.02
CD1 DIL B 4 10.23 -10.59 5.28
N DVA B 5 7.47 -7.73 9.45
CA DVA B 5 7.22 -7.74 10.89
CB DVA B 5 6.35 -6.56 11.33
CG1 DVA B 5 6.34 -6.45 12.83
CG2 DVA B 5 4.94 -6.72 10.80
C DVA B 5 8.56 -7.72 11.59
O DVA B 5 9.37 -6.82 11.36
N DTR B 6 8.80 -8.71 12.43
CA DTR B 6 9.99 -8.75 13.29
CB DTR B 6 10.84 -9.99 13.01
CG DTR B 6 12.01 -10.10 13.91
CD1 DTR B 6 12.99 -9.17 14.10
NE1 DTR B 6 13.92 -9.63 15.00
CE2 DTR B 6 13.55 -10.89 15.40
CZ2 DTR B 6 14.17 -11.76 16.29
CH2 DTR B 6 13.57 -12.97 16.51
CZ3 DTR B 6 12.37 -13.32 15.86
CE3 DTR B 6 11.76 -12.46 14.98
CD2 DTR B 6 12.35 -11.22 14.73
C DTR B 6 9.55 -8.71 14.73
O DTR B 6 8.77 -9.57 15.17
N DAR B 7 10.02 -7.72 15.47
CA DAR B 7 9.53 -7.47 16.81
CB DAR B 7 8.43 -6.42 16.78
CG DAR B 7 8.02 -5.91 18.15
CD DAR B 7 6.92 -6.75 18.75
NE DAR B 7 6.58 -6.34 20.11
CZ DAR B 7 5.57 -6.84 20.81
NH1 DAR B 7 5.38 -6.41 22.06
NH2 DAR B 7 4.76 -7.75 20.31
C DAR B 7 10.67 -7.02 17.70
O DAR B 7 11.08 -7.73 18.61
OXT DAR B 7 11.21 -5.92 17.54
N DTH C 1 15.02 -9.57 -4.99
CA DTH C 1 16.25 -9.45 -4.24
CB DTH C 1 17.33 -10.39 -4.79
CG2 DTH C 1 16.73 -11.74 -5.14
OG1 DTH C 1 18.35 -10.57 -3.80
C DTH C 1 16.04 -9.75 -2.78
O DTH C 1 15.36 -10.71 -2.43
N DLE C 2 16.62 -8.91 -1.93
CA DLE C 2 16.56 -9.09 -0.49
CB DLE C 2 15.79 -7.96 0.19
CG DLE C 2 16.04 -7.94 1.69
CD1 DLE C 2 15.44 -9.16 2.34
CD2 DLE C 2 15.50 -6.68 2.33
C DLE C 2 17.98 -9.12 0.07
O DLE C 2 18.76 -8.22 -0.20
N DLY C 3 18.28 -10.15 0.84
CA DLY C 3 19.54 -10.24 1.55
C DLY C 3 19.25 -10.43 3.02
O DLY C 3 18.53 -11.38 3.39
CB DLY C 3 20.41 -11.38 1.00
CG DLY C 3 21.69 -11.59 1.79
CD DLY C 3 22.70 -12.38 0.98
CE DLY C 3 22.12 -13.69 0.51
NZ DLY C 3 23.04 -14.41 -0.41
N DIL C 4 19.78 -9.56 3.86
CA DIL C 4 19.63 -9.66 5.30
C DIL C 4 20.99 -9.50 5.93
O DIL C 4 21.74 -8.57 5.60
CB DIL C 4 18.65 -8.61 5.85
CG1 DIL C 4 19.04 -8.20 7.26
CG2 DIL C 4 18.62 -7.42 4.94
CD1 DIL C 4 18.33 -6.98 7.77
N DVA C 5 21.32 -10.40 6.85
CA DVA C 5 22.56 -10.33 7.62
CB DVA C 5 23.55 -11.43 7.20
CG1 DVA C 5 24.16 -11.10 5.87
CG2 DVA C 5 22.84 -12.76 7.11
C DVA C 5 22.20 -10.46 9.09
O DVA C 5 21.46 -11.37 9.48
N DTR C 6 22.70 -9.53 9.90
CA DTR C 6 22.55 -9.59 11.35
CB DTR C 6 21.77 -8.40 11.89
CG DTR C 6 21.71 -8.36 13.37
CD1 DTR C 6 20.96 -9.14 14.19
NE1 DTR C 6 21.17 -8.82 15.50
CE2 DTR C 6 22.09 -7.80 15.55
CZ2 DTR C 6 22.62 -7.14 16.66
CH2 DTR C 6 23.53 -6.15 16.40
CZ3 DTR C 6 23.92 -5.82 15.11
CE3 DTR C 6 23.39 -6.47 14.01
CD2 DTR C 6 22.45 -7.49 14.23
C DTR C 6 23.93 -9.62 11.97
O DTR C 6 24.76 -8.76 11.68
N DAR C 7 24.18 -10.62 12.80
CA DAR C 7 25.50 -10.80 13.39
CB DAR C 7 26.18 -12.04 12.79
CG DAR C 7 26.15 -12.11 11.28
CD DAR C 7 26.91 -13.34 10.78
NE DAR C 7 26.65 -13.64 9.38
CZ DAR C 7 27.43 -13.25 8.38
NH1 DAR C 7 28.51 -12.52 8.57
NH2 DAR C 7 27.11 -13.62 7.13
C DAR C 7 25.40 -10.92 14.89
O DAR C 7 24.41 -11.44 15.42
OXT DAR C 7 26.29 -10.51 15.63
N DTH D 1 22.98 -13.80 15.82
CA DTH D 1 22.16 -14.48 14.84
CB DTH D 1 22.94 -15.56 14.09
CG2 DTH D 1 24.27 -15.01 13.61
OG1 DTH D 1 22.18 -16.01 12.96
C DTH D 1 21.58 -13.50 13.82
O DTH D 1 22.24 -12.57 13.41
N DLE D 2 20.32 -13.74 13.45
CA DLE D 2 19.63 -12.95 12.44
CB DLE D 2 18.43 -12.21 13.02
CG DLE D 2 17.40 -11.72 12.00
CD1 DLE D 2 18.03 -10.73 11.05
CD2 DLE D 2 16.22 -11.09 12.71
C DLE D 2 19.21 -13.87 11.32
O DLE D 2 18.47 -14.83 11.55
N DLY D 3 19.69 -13.61 10.11
CA DLY D 3 19.31 -14.37 8.94
C DLY D 3 18.86 -13.41 7.85
O DLY D 3 19.59 -12.47 7.51
CB DLY D 3 20.46 -15.23 8.42
CG DLY D 3 20.26 -15.70 7.01
CD DLY D 3 21.45 -16.48 6.50
CE DLY D 3 21.25 -16.88 5.05
NZ DLY D 3 22.46 -17.54 4.49
N DIL D 4 17.67 -13.63 7.32
CA DIL D 4 17.14 -12.84 6.21
C DIL D 4 16.54 -13.79 5.18
O DIL D 4 15.84 -14.73 5.54
CB DIL D 4 16.10 -11.82 6.68
CG1 DIL D 4 15.03 -11.61 5.61
CG2 DIL D 4 15.49 -12.26 7.98
CD1 DIL D 4 13.96 -10.64 6.01
N DVA D 5 16.88 -13.58 3.91
CA DVA D 5 16.26 -14.29 2.79
CB DVA D 5 17.26 -15.25 2.12
CG1 DVA D 5 18.66 -14.69 2.19
CG2 DVA D 5 16.87 -15.49 0.67
C DVA D 5 15.74 -13.27 1.80
O DVA D 5 16.45 -12.31 1.46
N DTR D 6 14.49 -13.44 1.37
CA DTR D 6 13.89 -12.60 0.34
CB DTR D 6 12.79 -11.72 0.91
CG DTR D 6 11.80 -11.25 -0.15
CD1 DTR D 6 10.68 -11.91 -0.55
NE1 DTR D 6 10.04 -11.18 -1.53
CE2 DTR D 6 10.75 -10.04 -1.77
CZ2 DTR D 6 10.49 -9.00 -2.65
CH2 DTR D 6 11.38 -7.96 -2.68
CZ3 DTR D 6 12.51 -7.94 -1.85
CE3 DTR D 6 12.76 -8.98 -0.97
CD2 DTR D 6 11.87 -10.05 -0.92
C DTR D 6 13.33 -13.49 -0.75
O DTR D 6 12.64 -14.47 -0.46
N DAR D 7 13.62 -13.16 -2.00
CA DAR D 7 13.08 -13.90 -3.12
CB DAR D 7 13.97 -15.09 -3.45
CG DAR D 7 15.43 -14.72 -3.63
CD DAR D 7 16.24 -15.92 -4.07
NE DAR D 7 15.72 -16.50 -5.31
CZ DAR D 7 16.00 -16.04 -6.53
NH1 DAR D 7 16.80 -15.01 -6.71
NH2 DAR D 7 15.46 -16.65 -7.58
C DAR D 7 12.95 -13.00 -4.33
O DAR D 7 12.08 -13.19 -5.18
OXT DAR D 7 13.70 -12.03 -4.48
N DTH E 1 1.27 0.10 -13.50
CA DTH E 1 1.78 0.78 -12.32
CB DTH E 1 2.98 0.05 -11.71
CG2 DTH E 1 3.97 -0.32 -12.79
OG1 DTH E 1 2.52 -1.15 -11.09
C DTH E 1 0.70 0.91 -11.27
O DTH E 1 -0.01 -0.05 -10.98
N DLE E 2 0.57 2.11 -10.71
CA DLE E 2 -0.45 2.39 -9.70
CB DLE E 2 -1.48 3.39 -10.23
CG DLE E 2 -2.51 3.80 -9.20
CD1 DLE E 2 -3.42 2.63 -8.90
CD2 DLE E 2 -3.32 4.98 -9.68
C DLE E 2 0.24 2.96 -8.46
O DLE E 2 0.94 3.96 -8.55
N DLY E 3 0.02 2.31 -7.32
CA DLY E 3 0.50 2.80 -6.04
C DLY E 3 -0.70 2.91 -5.11
O DLY E 3 -1.41 1.92 -4.90
CB DLY E 3 1.55 1.87 -5.44
CG DLY E 3 2.82 1.74 -6.26
CD DLY E 3 2.89 0.42 -6.98
CE DLY E 3 4.28 0.17 -7.53
NZ DLY E 3 4.41 -1.19 -8.09
N DIL E 4 -0.93 4.10 -4.58
CA DIL E 4 -2.00 4.34 -3.62
C DIL E 4 -1.45 5.14 -2.46
O DIL E 4 -0.74 6.13 -2.67
CB DIL E 4 -3.18 5.08 -4.28
CG1 DIL E 4 -3.86 6.00 -3.28
CG2 DIL E 4 -2.70 5.85 -5.48
CD1 DIL E 4 -4.95 6.84 -3.87
N DVA E 5 -1.77 4.72 -1.24
CA DVA E 5 -1.39 5.44 -0.04
CB DVA E 5 -0.23 4.74 0.70
CG1 DVA E 5 -0.20 3.28 0.32
CG2 DVA E 5 -0.38 4.90 2.20
C DVA E 5 -2.61 5.56 0.86
O DVA E 5 -3.34 4.58 1.06
N DTR E 6 -2.83 6.75 1.39
CA DTR E 6 -3.91 7.03 2.33
CB DTR E 6 -4.99 7.91 1.70
CG DTR E 6 -6.06 8.35 2.65
CD1 DTR E 6 -7.02 7.55 3.21
NE1 DTR E 6 -7.83 8.30 4.03
CE2 DTR E 6 -7.40 9.61 4.00
CZ2 DTR E 6 -7.89 10.72 4.66
CH2 DTR E 6 -7.25 11.91 4.45
CZ3 DTR E 6 -6.15 12.01 3.61
CE3 DTR E 6 -5.66 10.90 2.94
CD2 DTR E 6 -6.29 9.66 3.15
C DTR E 6 -3.32 7.71 3.54
O DTR E 6 -2.58 8.69 3.41
N DAR E 7 -3.60 7.17 4.73
CA DAR E 7 -3.05 7.74 5.95
CB DAR E 7 -1.75 7.03 6.33
CG DAR E 7 -1.95 5.62 6.84
CD DAR E 7 -0.63 4.95 7.16
NE DAR E 7 0.26 4.97 6.00
CZ DAR E 7 1.29 4.15 5.85
NH1 DAR E 7 2.05 4.27 4.77
NH2 DAR E 7 1.56 3.20 6.73
C DAR E 7 -4.05 7.64 7.08
O DAR E 7 -4.96 6.82 7.05
OXT DAR E 7 -3.97 8.37 8.06
N DTH F 1 -6.45 4.56 7.44
CA DTH F 1 -6.33 3.42 6.54
CB DTH F 1 -5.18 2.48 6.95
CG2 DTH F 1 -5.18 2.27 8.46
OG1 DTH F 1 -3.94 3.05 6.56
C DTH F 1 -6.08 3.89 5.13
O DTH F 1 -5.36 4.86 4.90
N DLE F 2 -6.69 3.20 4.17
CA DLE F 2 -6.45 3.43 2.75
CB DLE F 2 -7.68 4.04 2.07
CG DLE F 2 -7.53 4.48 0.61
CD1 DLE F 2 -8.45 5.65 0.33
CD2 DLE F 2 -7.83 3.36 -0.36
C DLE F 2 -6.09 2.12 2.11
O DLE F 2 -6.80 1.12 2.29
N DLY F 3 -4.98 2.09 1.37
CA DLY F 3 -4.59 0.92 0.62
C DLY F 3 -4.12 1.37 -0.75
O DLY F 3 -3.41 2.37 -0.88
CB DLY F 3 -3.49 0.15 1.34
CG DLY F 3 -2.46 1.02 1.99
CD DLY F 3 -1.54 0.21 2.87
CE DLY F 3 -2.26 -0.29 4.10
NZ DLY F 3 -2.73 0.85 4.94
N DIL F 4 -4.56 0.67 -1.79
CA DIL F 4 -4.22 0.96 -3.17
C DIL F 4 -3.81 -0.33 -3.85
O DIL F 4 -4.48 -1.36 -3.68
CB DIL F 4 -5.38 1.63 -3.92
CG1 DIL F 4 -5.38 1.22 -5.38
CG2 DIL F 4 -6.69 1.26 -3.28
CD1 DIL F 4 -6.55 1.75 -6.17
N DVA F 5 -2.73 -0.29 -4.62
CA DVA F 5 -2.27 -1.42 -5.40
CB DVA F 5 -0.92 -1.94 -4.92
CG1 DVA F 5 -0.46 -3.09 -5.80
CG2 DVA F 5 -1.01 -2.36 -3.48
C DVA F 5 -2.20 -0.97 -6.85
O DVA F 5 -1.54 0.04 -7.15
N DTR F 6 -2.86 -1.69 -7.74
CA DTR F 6 -2.77 -1.44 -9.17
CB DTR F 6 -4.06 -0.89 -9.76
CG DTR F 6 -4.17 -1.17 -11.23
CD1 DTR F 6 -4.87 -2.19 -11.82
NE1 DTR F 6 -4.73 -2.13 -13.18
CE2 DTR F 6 -3.93 -1.07 -13.49
CZ2 DTR F 6 -3.51 -0.60 -14.72
CH2 DTR F 6 -2.70 0.51 -14.74
CZ3 DTR F 6 -2.31 1.14 -13.57
CE3 DTR F 6 -2.73 0.68 -12.34
CD2 DTR F 6 -3.56 -0.44 -12.28
C DTR F 6 -2.43 -2.75 -9.86
O DTR F 6 -3.09 -3.77 -9.64
N DAR F 7 -1.41 -2.72 -10.71
CA DAR F 7 -1.02 -3.91 -11.45
CB DAR F 7 0.02 -4.70 -10.67
CG DAR F 7 1.39 -4.08 -10.70
CD DAR F 7 2.34 -4.82 -9.79
NE DAR F 7 2.12 -4.49 -8.39
CZ DAR F 7 2.75 -5.06 -7.38
NH1 DAR F 7 2.48 -4.65 -6.14
NH2 DAR F 7 3.62 -6.04 -7.56
C DAR F 7 -0.49 -3.54 -12.82
O DAR F 7 -0.56 -4.32 -13.76
OXT DAR F 7 0.01 -2.43 -13.01
N DTH G 1 -16.42 12.90 5.03
CA DTH G 1 -15.86 13.18 3.71
CB DTH G 1 -16.86 13.94 2.83
CG2 DTH G 1 -17.54 15.04 3.63
OG1 DTH G 1 -17.86 13.03 2.36
C DTH G 1 -15.48 11.90 3.00
O DTH G 1 -16.19 10.90 3.08
N DLE G 2 -14.33 11.93 2.33
CA DLE G 2 -13.86 10.80 1.54
CB DLE G 2 -12.59 10.22 2.15
CG DLE G 2 -12.01 9.04 1.36
CD1 DLE G 2 -13.00 7.90 1.41
CD2 DLE G 2 -10.68 8.61 1.93
C DLE G 2 -13.59 11.26 0.12
O DLE G 2 -12.88 12.25 -0.09
N DLY G 3 -14.14 10.54 -0.85
CA DLY G 3 -13.87 10.79 -2.26
C DLY G 3 -13.33 9.53 -2.90
O DLY G 3 -13.96 8.47 -2.84
CB DLY G 3 -15.12 11.25 -2.99
CG DLY G 3 -14.96 11.21 -4.50
CD DLY G 3 -16.21 11.67 -5.22
CE DLY G 3 -16.04 11.59 -6.72
NZ DLY G 3 -17.28 11.94 -7.45
N DIL G 4 -12.19 9.65 -3.58
CA DIL G 4 -11.57 8.56 -4.31
C DIL G 4 -11.39 8.99 -5.75
O DIL G 4 -10.72 10.00 -6.02
CB DIL G 4 -10.21 8.18 -3.72
CG1 DIL G 4 -10.27 8.16 -2.20
CG2 DIL G 4 -9.77 6.84 -4.26
CD1 DIL G 4 -11.19 7.12 -1.67
N DVA G 5 -11.95 8.22 -6.68
CA DVA G 5 -11.69 8.41 -8.10
CB DVA G 5 -12.94 8.94 -8.84
CG1 DVA G 5 -14.17 8.26 -8.31
CG2 DVA G 5 -12.79 8.71 -10.32
C DVA G 5 -11.22 7.10 -8.70
O DVA G 5 -11.89 6.07 -8.56
N DTR G 6 -10.07 7.12 -9.37
CA DTR G 6 -9.58 6.01 -10.17
CB DTR G 6 -8.24 5.48 -9.66
CG DTR G 6 -7.48 4.75 -10.72
CD1 DTR G 6 -6.52 5.26 -11.55
NE1 DTR G 6 -6.05 4.29 -12.39
CE2 DTR G 6 -6.69 3.11 -12.12
CZ2 DTR G 6 -6.56 1.86 -12.69
CH2 DTR G 6 -7.35 0.86 -12.22
CZ3 DTR G 6 -8.27 1.08 -11.18
CE3 DTR G 6 -8.41 2.32 -10.61
CD2 DTR G 6 -7.61 3.36 -11.08
C DTR G 6 -9.42 6.48 -11.60
O DTR G 6 -8.77 7.50 -11.86
N DAR G 7 -9.99 5.73 -12.54
CA DAR G 7 -10.17 6.24 -13.89
CB DAR G 7 -11.58 6.81 -14.02
CG DAR G 7 -12.00 7.16 -15.43
CD DAR G 7 -13.38 7.79 -15.44
NE DAR G 7 -13.44 8.96 -14.60
CZ DAR G 7 -13.04 10.17 -14.97
NH1 DAR G 7 -12.54 10.40 -16.18
NH2 DAR G 7 -13.14 11.19 -14.11
C DAR G 7 -9.94 5.19 -14.96
O DAR G 7 -10.50 4.10 -14.92
OXT DAR G 7 -9.20 5.42 -15.92
N DTH H 1 -11.94 2.16 -14.16
CA DTH H 1 -12.58 1.66 -12.96
CB DTH H 1 -14.10 1.79 -13.02
CG2 DTH H 1 -14.48 3.26 -13.13
OG1 DTH H 1 -14.67 1.26 -11.82
C DTH H 1 -12.10 2.40 -11.73
O DTH H 1 -11.44 3.42 -11.82
N DLE H 2 -12.41 1.84 -10.57
CA DLE H 2 -12.09 2.44 -9.29
CB DLE H 2 -11.12 1.59 -8.47
CG DLE H 2 -11.02 2.05 -7.02
CD1 DLE H 2 -10.41 3.44 -6.96
CD2 DLE H 2 -10.22 1.09 -6.19
C DLE H 2 -13.37 2.64 -8.50
O DLE H 2 -14.13 1.68 -8.30
N DLY H 3 -13.61 3.86 -8.08
CA DLY H 3 -14.73 4.17 -7.22
C DLY H 3 -14.23 4.92 -6.00
O DLY H 3 -13.54 5.94 -6.16
CB DLY H 3 -15.78 5.00 -7.96
CG DLY H 3 -16.80 5.66 -7.07
CD DLY H 3 -17.70 6.57 -7.88
CE DLY H 3 -18.70 7.28 -7.00
NZ DLY H 3 -19.52 8.24 -7.79
N DIL H 4 -14.56 4.44 -4.81
CA DIL H 4 -14.31 5.16 -3.58
C DIL H 4 -15.59 5.22 -2.79
O DIL H 4 -16.30 4.22 -2.66
CB DIL H 4 -13.18 4.52 -2.75
CG1 DIL H 4 -13.65 3.31 -1.97
CG2 DIL H 4 -12.03 4.11 -3.63
CD1 DIL H 4 -12.65 2.81 -0.98
N DVA H 5 -15.90 6.40 -2.25
CA DVA H 5 -17.04 6.58 -1.36
CB DVA H 5 -18.16 7.39 -2.01
CG1 DVA H 5 -18.85 6.58 -3.07
CG2 DVA H 5 -17.62 8.65 -2.63
C DVA H 5 -16.54 7.24 -0.09
O DVA H 5 -15.82 8.25 -0.15
N DTR H 6 -16.94 6.70 1.05
CA DTR H 6 -16.65 7.31 2.35
CB DTR H 6 -15.75 6.43 3.20
CG DTR H 6 -15.53 6.97 4.58
CD1 DTR H 6 -14.58 7.88 4.95
NE1 DTR H 6 -14.68 8.13 6.29
CE2 DTR H 6 -15.70 7.39 6.81
CZ2 DTR H 6 -16.18 7.31 8.12
CH2 DTR H 6 -17.23 6.47 8.36
CZ3 DTR H 6 -17.81 5.71 7.33
CE3 DTR H 6 -17.33 5.79 6.04
CD2 DTR H 6 -16.26 6.64 5.76
C DTR H 6 -17.96 7.56 3.07
O DTR H 6 -18.77 6.65 3.24
N DAR H 7 -18.14 8.79 3.56
CA DAR H 7 -19.36 9.15 4.24
CB DAR H 7 -20.46 9.50 3.23
CG DAR H 7 -20.00 10.45 2.16
CD DAR H 7 -21.17 10.92 1.33
NE DAR H 7 -22.12 9.85 1.10
CZ DAR H 7 -23.20 9.96 0.34
NH1 DAR H 7 -23.49 11.09 -0.29
NH2 DAR H 7 -24.02 8.93 0.22
C DAR H 7 -19.16 10.31 5.20
O DAR H 7 -19.99 10.58 6.07
OXT DAR H 7 -18.16 11.02 5.13
N DTH I 1 -14.76 16.53 13.20
CA DTH I 1 -13.38 16.16 12.90
CB DTH I 1 -13.21 15.75 11.44
CG2 DTH I 1 -13.61 16.88 10.51
OG1 DTH I 1 -14.03 14.61 11.17
C DTH I 1 -12.93 15.01 13.78
O DTH I 1 -13.64 14.03 13.94
N DLE I 2 -11.73 15.15 14.34
CA DLE I 2 -11.12 14.10 15.16
CB DLE I 2 -10.98 14.56 16.61
CG DLE I 2 -10.19 13.55 17.42
CD1 DLE I 2 -11.02 12.30 17.59
CD2 DLE I 2 -9.81 14.14 18.76
C DLE I 2 -9.77 13.76 14.59
O DLE I 2 -8.91 14.65 14.43
N DLY I 3 -9.56 12.49 14.26
CA DLY I 3 -8.29 12.02 13.71
C DLY I 3 -7.77 10.85 14.51
O DLY I 3 -8.48 9.87 14.72
CB DLY I 3 -8.46 11.62 12.24
CG DLY I 3 -7.30 10.83 11.70
CD DLY I 3 -7.50 10.50 10.24
CE DLY I 3 -6.35 9.67 9.71
NZ DLY I 3 -6.47 9.44 8.25
N DIL I 4 -6.51 10.95 14.96
CA DIL I 4 -5.86 9.89 15.71
C DIL I 4 -4.57 9.52 15.00
O DIL I 4 -3.71 10.39 14.79
CB DIL I 4 -5.55 10.32 17.15
CG1 DIL I 4 -6.74 11.05 17.76
CG2 DIL I 4 -5.18 9.11 17.99
CD1 DIL I 4 -7.93 10.19 17.94
N DVA I 5 -4.40 8.24 14.68
CA DVA I 5 -3.14 7.73 14.16
CB DVA I 5 -3.24 7.32 12.68
CG1 DVA I 5 -3.31 8.55 11.80
CG2 DVA I 5 -4.46 6.46 12.46
C DVA I 5 -2.68 6.56 15.01
O DVA I 5 -3.43 5.61 15.22
N DTR I 6 -1.45 6.63 15.50
CA DTR I 6 -0.80 5.55 16.22
CB DTR I 6 -0.45 5.96 17.64
CG DTR I 6 0.68 5.18 18.22
CD1 DTR I 6 2.00 5.55 18.26
NE1 DTR I 6 2.74 4.57 18.89
CE2 DTR I 6 1.90 3.56 19.26
CZ2 DTR I 6 2.19 2.37 19.92
CH2 DTR I 6 1.14 1.52 20.16
CZ3 DTR I 6 -0.16 1.84 19.78
CE3 DTR I 6 -0.44 3.02 19.13
CD2 DTR I 6 0.60 3.91 18.86
C DTR I 6 0.44 5.15 15.44
O DTR I 6 1.31 5.99 15.18
N DAR I 7 0.54 3.87 15.08
CA DAR I 7 1.64 3.39 14.25
CB DAR I 7 1.13 3.02 12.86
CG DAR I 7 0.88 4.20 11.95
CD DAR I 7 0.49 3.72 10.57
NE DAR I 7 1.29 2.59 10.14
CZ DAR I 7 2.49 2.69 9.59
NH1 DAR I 7 3.06 3.87 9.38
NH2 DAR I 7 3.15 1.59 9.24
C DAR I 7 2.37 2.21 14.87
O DAR I 7 1.77 1.17 15.15
OXT DAR I 7 3.58 2.24 15.08
N DTH J 1 -0.27 -0.51 15.41
CA DTH J 1 -1.72 -0.34 15.37
CB DTH J 1 -2.26 -0.56 13.95
CG2 DTH J 1 -1.48 0.28 12.95
OG1 DTH J 1 -3.63 -0.16 13.92
C DTH J 1 -2.14 1.04 15.85
O DTH J 1 -1.42 2.01 15.69
N DLE J 2 -3.31 1.09 16.47
CA DLE J 2 -3.91 2.34 16.91
CB DLE J 2 -4.08 2.39 18.42
CG DLE J 2 -5.12 3.40 18.93
CD1 DLE J 2 -4.72 4.82 18.59
CD2 DLE J 2 -5.31 3.26 20.43
C DLE J 2 -5.27 2.47 16.22
O DLE J 2 -6.11 1.58 16.35
N DLY J 3 -5.45 3.57 15.50
CA DLY J 3 -6.72 3.86 14.87
C DLY J 3 -7.15 5.26 15.29
O DLY J 3 -6.38 6.21 15.13
CB DLY J 3 -6.62 3.77 13.35
CG DLY J 3 -7.71 4.49 12.59
CD DLY J 3 -7.37 4.55 11.11
CE DLY J 3 -8.36 5.41 10.34
NZ DLY J 3 -9.70 4.78 10.26
N DIL J 4 -8.36 5.38 15.82
CA DIL J 4 -8.93 6.65 16.19
C DIL J 4 -10.30 6.76 15.55
O DIL J 4 -11.12 5.85 15.66
CB DIL J 4 -9.04 6.82 17.71
CG1 DIL J 4 -10.31 7.59 18.08
CG2 DIL J 4 -9.01 5.47 18.38
CD1 DIL J 4 -10.47 7.79 19.56
N DVA J 5 -10.55 7.88 14.88
CA DVA J 5 -11.83 8.16 14.25
CB DVA J 5 -11.74 8.14 12.72
CG1 DVA J 5 -12.99 8.75 12.12
CG2 DVA J 5 -11.54 6.73 12.22
C DVA J 5 -12.31 9.52 14.74
O DVA J 5 -11.57 10.50 14.64
N DTR J 6 -13.55 9.57 15.21
CA DTR J 6 -14.20 10.83 15.53
CB DTR J 6 -14.50 10.93 17.02
CG DTR J 6 -15.21 12.20 17.36
CD1 DTR J 6 -14.97 13.43 16.83
NE1 DTR J 6 -15.83 14.35 17.37
CE2 DTR J 6 -16.67 13.71 18.24
CZ2 DTR J 6 -17.70 14.21 19.02
CH2 DTR J 6 -18.37 13.33 19.81
CZ3 DTR J 6 -18.04 11.98 19.85
CE3 DTR J 6 -17.02 11.47 19.08
CD2 DTR J 6 -16.31 12.35 18.25
C DTR J 6 -15.48 10.93 14.73
O DTR J 6 -16.33 10.04 14.78
N DAR J 7 -15.63 12.04 14.01
CA DAR J 7 -16.83 12.26 13.23
CB DAR J 7 -16.50 12.27 11.74
CG DAR J 7 -17.70 12.40 10.84
CD DAR J 7 -17.29 12.23 9.39
NE DAR J 7 -16.22 13.15 9.03
CZ DAR J 7 -16.39 14.35 8.50
NH1 DAR J 7 -15.33 15.11 8.23
NH2 DAR J 7 -17.60 14.80 8.22
C DAR J 7 -17.49 13.57 13.64
O DAR J 7 -18.72 13.70 13.62
OXT DAR J 7 -16.81 14.53 13.98
N DTH K 1 1.09 7.86 26.71
CA DTH K 1 0.83 9.26 26.44
CB DTH K 1 0.93 10.11 27.71
CG2 DTH K 1 2.14 9.70 28.52
OG1 DTH K 1 -0.25 9.92 28.50
C DTH K 1 -0.56 9.44 25.85
O DTH K 1 -1.42 8.58 26.00
N DLE K 2 -0.75 10.54 25.14
CA DLE K 2 -2.05 10.90 24.59
CB DLE K 2 -2.03 10.91 23.07
CG DLE K 2 -3.28 11.46 22.38
CD1 DLE K 2 -3.63 10.63 21.17
CD2 DLE K 2 -3.09 12.91 21.98
C DLE K 2 -2.44 12.27 25.13
O DLE K 2 -1.67 13.22 25.01
N DLY K 3 -3.63 12.35 25.72
CA DLY K 3 -4.15 13.62 26.20
C DLY K 3 -5.53 13.85 25.60
O DLY K 3 -6.41 12.98 25.72
CB DLY K 3 -4.23 13.63 27.73
CG DLY K 3 -5.05 14.77 28.29
CD DLY K 3 -5.04 14.76 29.79
CE DLY K 3 -5.78 15.96 30.35
NZ DLY K 3 -5.67 16.00 31.84
N DIL K 4 -5.72 15.02 25.01
CA DIL K 4 -7.02 15.42 24.49
C DIL K 4 -7.32 16.83 24.96
O DIL K 4 -6.48 17.72 24.84
CB DIL K 4 -7.04 15.36 22.95
CG1 DIL K 4 -7.94 16.44 22.37
CG2 DIL K 4 -5.64 15.51 22.41
CD1 DIL K 4 -7.87 16.56 20.88
N DVA K 5 -8.53 17.03 25.49
CA DVA K 5 -9.01 18.36 25.81
CB DVA K 5 -9.08 18.61 27.34
CG1 DVA K 5 -7.68 18.57 27.92
CG2 DVA K 5 -9.94 17.57 28.01
C DVA K 5 -10.38 18.55 25.18
O DVA K 5 -11.24 17.67 25.27
N DTR K 6 -10.60 19.71 24.56
CA DTR K 6 -11.90 20.12 24.09
CB DTR K 6 -11.93 20.34 22.58
CG DTR K 6 -13.09 21.14 22.17
CD1 DTR K 6 -14.40 20.80 22.26
NE1 DTR K 6 -15.20 21.81 21.79
CE2 DTR K 6 -14.40 22.84 21.37
CZ2 DTR K 6 -14.74 24.06 20.81
CH2 DTR K 6 -13.72 24.91 20.49
CZ3 DTR K 6 -12.39 24.57 20.71
CE3 DTR K 6 -12.05 23.35 21.26
CD2 DTR K 6 -13.07 22.46 21.60
C DTR K 6 -12.30 21.41 24.78
O DTR K 6 -11.54 22.39 24.76
N DAR K 7 -13.49 21.42 25.35
CA DAR K 7 -13.88 22.52 26.23
CB DAR K 7 -13.73 22.07 27.69
CG DAR K 7 -13.62 23.20 28.68
CD DAR K 7 -12.74 22.80 29.84
NE DAR K 7 -12.58 23.89 30.80
CZ DAR K 7 -11.68 23.88 31.77
NH1 DAR K 7 -11.62 24.92 32.61
NH2 DAR K 7 -10.83 22.88 31.94
C DAR K 7 -15.30 22.99 25.97
O DAR K 7 -16.27 22.39 26.43
OXT DAR K 7 -15.53 24.01 25.31
N DTH L 1 -17.69 19.99 25.83
CA DTH L 1 -17.32 18.62 26.15
CB DTH L 1 -17.15 18.42 27.66
CG2 DTH L 1 -18.25 19.13 28.41
OG1 DTH L 1 -15.88 18.94 28.08
C DTH L 1 -16.01 18.25 25.45
O DTH L 1 -15.12 19.07 25.32
N DLE L 2 -15.91 17.00 25.02
CA DLE L 2 -14.72 16.47 24.39
CB DLE L 2 -15.01 16.06 22.94
CG DLE L 2 -13.89 16.23 21.90
CD1 DLE L 2 -14.38 15.79 20.54
CD2 DLE L 2 -12.65 15.46 22.29
C DLE L 2 -14.23 15.29 25.19
O DLE L 2 -14.97 14.30 25.38
N DLY L 3 -12.98 15.35 25.65
CA DLY L 3 -12.39 14.26 26.42
C DLY L 3 -11.07 13.85 25.79
O DLY L 3 -10.17 14.68 25.62
CB DLY L 3 -12.17 14.69 27.86
CG DLY L 3 -11.37 13.70 28.69
CD DLY L 3 -11.24 14.19 30.11
CE DLY L 3 -10.54 13.17 30.98
NZ DLY L 3 -10.50 13.62 32.40
N DIL L 4 -10.94 12.56 25.47
CA DIL L 4 -9.71 12.00 24.92
C DIL L 4 -9.31 10.78 25.74
O DIL L 4 -10.11 9.86 25.91
CB DIL L 4 -9.87 11.58 23.45
CG1 DIL L 4 -10.55 12.68 22.65
CG2 DIL L 4 -8.52 11.22 22.86
CD1 DIL L 4 -11.14 12.18 21.37
N DVA L 5 -8.06 10.74 26.18
CA DVA L 5 -7.48 9.56 26.80
CB DVA L 5 -7.28 9.77 28.32
CG1 DVA L 5 -6.94 11.21 28.59
CG2 DVA L 5 -6.17 8.86 28.82
C DVA L 5 -6.16 9.23 26.11
O DVA L 5 -5.32 10.11 25.94
N DTR L 6 -5.99 7.96 25.74
CA DTR L 6 -4.73 7.45 25.22
CB DTR L 6 -4.87 6.93 23.79
CG DTR L 6 -3.83 5.91 23.40
CD1 DTR L 6 -3.91 4.55 23.56
NE1 DTR L 6 -2.77 3.96 23.08
CE2 DTR L 6 -1.94 4.91 22.59
CZ2 DTR L 6 -0.68 4.80 22.01
CH2 DTR L 6 -0.06 5.94 21.60
CZ3 DTR L 6 -0.65 7.20 21.78
CE3 DTR L 6 -1.90 7.32 22.36
CD2 DTR L 6 -2.56 6.16 22.77
C DTR L 6 -4.24 6.34 26.13
O DTR L 6 -4.96 5.38 26.39
N DAR L 7 -3.00 6.45 26.58
CA DAR L 7 -2.45 5.52 27.55
CB DAR L 7 -2.29 6.19 28.90
CG DAR L 7 -3.59 6.43 29.65
CD DAR L 7 -3.36 7.25 30.91
NE DAR L 7 -2.01 7.06 31.44
CZ DAR L 7 -1.65 6.02 32.21
NH1 DAR L 7 -0.40 5.96 32.64
NH2 DAR L 7 -2.51 5.08 32.54
C DAR L 7 -1.12 4.95 27.10
O DAR L 7 -0.83 3.77 27.32
OXT DAR L 7 -0.28 5.64 26.54
N DTH M 1 -2.80 -8.18 -28.75
CA DTH M 1 -3.05 -8.37 -27.32
CB DTH M 1 -4.09 -7.38 -26.78
CG2 DTH M 1 -4.22 -7.51 -25.27
OG1 DTH M 1 -5.36 -7.63 -27.40
C DTH M 1 -1.77 -8.22 -26.53
O DTH M 1 -1.07 -7.22 -26.66
N DLE M 2 -1.45 -9.22 -25.72
CA DLE M 2 -0.22 -9.23 -24.93
CB DLE M 2 0.73 -10.30 -25.45
CG DLE M 2 2.18 -10.29 -24.94
CD1 DLE M 2 2.31 -11.14 -23.70
CD2 DLE M 2 2.63 -8.88 -24.69
C DLE M 2 -0.57 -9.46 -23.47
O DLE M 2 -1.17 -10.49 -23.14
N DLY M 3 -0.18 -8.53 -22.60
CA DLY M 3 -0.36 -8.66 -21.17
C DLY M 3 0.99 -8.53 -20.48
O DLY M 3 1.67 -7.52 -20.66
CB DLY M 3 -1.32 -7.61 -20.63
CG DLY M 3 -1.38 -7.55 -19.12
CD DLY M 3 -2.40 -6.52 -18.66
CE DLY M 3 -2.62 -6.58 -17.16
NZ DLY M 3 -1.37 -6.31 -16.40
N DIL M 4 1.36 -9.53 -19.70
CA DIL M 4 2.61 -9.54 -18.94
C DIL M 4 2.26 -9.76 -17.47
O DIL M 4 1.64 -10.76 -17.12
CB DIL M 4 3.57 -10.64 -19.43
CG1 DIL M 4 4.16 -10.28 -20.78
CG2 DIL M 4 4.66 -10.88 -18.40
CD1 DIL M 4 5.14 -11.30 -21.30
N DVA M 5 2.69 -8.83 -16.62
CA DVA M 5 2.54 -8.96 -15.18
CB DVA M 5 1.56 -7.93 -14.61
CG1 DVA M 5 1.73 -6.61 -15.33
CG2 DVA M 5 1.82 -7.75 -13.14
C DVA M 5 3.91 -8.83 -14.55
O DVA M 5 4.60 -7.82 -14.77
N DTR M 6 4.32 -9.83 -13.78
CA DTR M 6 5.63 -9.87 -13.16
CB DTR M 6 6.40 -11.12 -13.59
CG DTR M 6 7.45 -11.52 -12.61
CD1 DTR M 6 7.37 -12.52 -11.69
NE1 DTR M 6 8.52 -12.59 -10.97
CE2 DTR M 6 9.38 -11.62 -11.41
CZ2 DTR M 6 10.67 -11.30 -10.99
CH2 DTR M 6 11.30 -10.27 -11.61
CZ3 DTR M 6 10.68 -9.55 -12.65
CE3 DTR M 6 9.41 -9.87 -13.07
CD2 DTR M 6 8.73 -10.93 -12.44
C DTR M 6 5.47 -9.83 -11.65
O DTR M 6 4.86 -10.73 -11.07
N DAR M 7 6.04 -8.81 -11.03
CA DAR M 7 6.01 -8.62 -9.58
CB DAR M 7 6.77 -9.74 -8.87
CG DAR M 7 7.50 -9.28 -7.63
CD DAR M 7 8.02 -10.45 -6.80
NE DAR M 7 9.08 -11.19 -7.46
CZ DAR M 7 10.38 -10.99 -7.27
NH1 DAR M 7 10.81 -10.02 -6.49
NH2 DAR M 7 11.26 -11.77 -7.88
C DAR M 7 4.59 -8.52 -9.05
O DAR M 7 3.61 -8.60 -9.79
OXT DAR M 7 4.39 -8.33 -7.86
N DTH N 1 8.36 -5.73 -9.46
CA DTH N 1 8.35 -4.96 -10.70
CB DTH N 1 7.38 -3.78 -10.63
CG2 DTH N 1 7.57 -3.00 -9.35
OG1 DTH N 1 6.03 -4.26 -10.69
C DTH N 1 7.94 -5.82 -11.87
O DTH N 1 7.30 -6.85 -11.71
N DLE N 2 8.30 -5.39 -13.07
CA DLE N 2 7.85 -6.03 -14.29
CB DLE N 2 9.02 -6.64 -15.08
CG DLE N 2 8.60 -7.29 -16.40
CD1 DLE N 2 7.88 -8.59 -16.11
CD2 DLE N 2 9.80 -7.52 -17.30
C DLE N 2 7.13 -5.01 -15.14
O DLE N 2 7.70 -3.95 -15.45
N DLY N 3 5.91 -5.32 -15.55
CA DLY N 3 5.16 -4.50 -16.48
C DLY N 3 4.80 -5.34 -17.70
O DLY N 3 4.17 -6.39 -17.56
CB DLY N 3 3.90 -3.93 -15.86
CG DLY N 3 2.94 -3.35 -16.88
CD DLY N 3 1.77 -2.66 -16.24
CE DLY N 3 0.88 -2.02 -17.28
NZ DLY N 3 -0.19 -1.19 -16.68
N DIL N 4 5.18 -4.87 -18.87
CA DIL N 4 4.89 -5.53 -20.13
C DIL N 4 4.14 -4.54 -21.01
O DIL N 4 4.67 -3.47 -21.32
CB DIL N 4 6.17 -6.00 -20.84
CG1 DIL N 4 7.04 -6.79 -19.89
CG2 DIL N 4 5.81 -6.82 -22.07
CD1 DIL N 4 6.37 -7.98 -19.31
N DVA N 5 2.94 -4.92 -21.43
CA DVA N 5 2.19 -4.12 -22.39
CB DVA N 5 0.95 -3.46 -21.74
CG1 DVA N 5 0.32 -4.42 -20.76
CG2 DVA N 5 -0.03 -3.05 -22.80
C DVA N 5 1.79 -5.02 -23.54
O DVA N 5 1.19 -6.08 -23.32
N DTR N 6 2.13 -4.61 -24.76
CA DTR N 6 1.73 -5.33 -25.96
CB DTR N 6 2.93 -5.97 -26.66
CG DTR N 6 2.57 -6.52 -28.01
CD1 DTR N 6 1.87 -7.66 -28.26
NE1 DTR N 6 1.73 -7.84 -29.61
CE2 DTR N 6 2.34 -6.80 -30.26
CZ2 DTR N 6 2.45 -6.53 -31.62
CH2 DTR N 6 3.12 -5.40 -31.98
CZ3 DTR N 6 3.67 -4.53 -31.04
CE3 DTR N 6 3.55 -4.79 -29.68
CD2 DTR N 6 2.88 -5.94 -29.28
C DTR N 6 1.05 -4.38 -26.93
O DTR N 6 1.57 -3.30 -27.21
N DAR N 7 -0.10 -4.80 -27.43
CA DAR N 7 -0.71 -4.13 -28.56
CB DAR N 7 -2.22 -4.23 -28.48
CG DAR N 7 -2.77 -4.10 -27.09
CD DAR N 7 -2.59 -2.70 -26.57
NE DAR N 7 -3.88 -2.15 -26.18
CZ DAR N 7 -4.04 -0.98 -25.58
NH1 DAR N 7 -3.00 -0.21 -25.28
NH2 DAR N 7 -5.26 -0.58 -25.25
C DAR N 7 -0.20 -4.77 -29.82
O DAR N 7 -0.48 -5.94 -30.07
OXT DAR N 7 0.51 -4.15 -30.62
N DTH O 1 7.92 -14.56 -30.29
CA DTH O 1 8.82 -13.67 -29.56
CB DTH O 1 10.29 -13.94 -29.91
CG2 DTH O 1 10.46 -14.14 -31.40
OG1 DTH O 1 10.73 -15.13 -29.23
C DTH O 1 8.65 -13.82 -28.07
O DTH O 1 8.12 -14.82 -27.59
N DLE O 2 9.14 -12.84 -27.32
CA DLE O 2 9.11 -12.85 -25.87
CB DLE O 2 8.41 -11.63 -25.32
CG DLE O 2 6.93 -11.81 -25.01
CD1 DLE O 2 6.77 -13.04 -24.15
CD2 DLE O 2 6.16 -11.93 -26.30
C DLE O 2 10.54 -12.89 -25.36
O DLE O 2 11.30 -11.94 -25.55
N DLY O 3 10.88 -13.96 -24.65
CA DLY O 3 12.14 -14.04 -23.94
C DLY O 3 11.85 -14.15 -22.45
O DLY O 3 11.26 -15.14 -22.01
CB DLY O 3 12.97 -15.22 -24.41
CG DLY O 3 14.35 -15.27 -23.80
CD DLY O 3 15.13 -16.47 -24.26
CE DLY O 3 16.51 -16.51 -23.63
NZ DLY O 3 16.43 -16.50 -22.15
N DIL O 4 12.28 -13.15 -21.69
CA DIL O 4 12.11 -13.13 -20.25
C DIL O 4 13.48 -12.99 -19.63
O DIL O 4 14.18 -12.00 -19.87
CB DIL O 4 11.20 -11.97 -19.79
CG1 DIL O 4 9.74 -12.25 -20.14
CG2 DIL O 4 11.36 -11.75 -18.30
CD1 DIL O 4 9.36 -11.87 -21.56
N DVA O 5 13.86 -13.96 -18.80
CA DVA O 5 15.12 -13.91 -18.07
CB DVA O 5 16.13 -14.93 -18.63
CG1 DVA O 5 15.46 -16.23 -18.96
CG2 DVA O 5 17.25 -15.15 -17.63
C DVA O 5 14.84 -14.18 -16.61
O DVA O 5 14.22 -15.20 -16.26
N DTR O 6 15.30 -13.29 -15.74
CA DTR O 6 15.24 -13.47 -14.31
CB DTR O 6 14.31 -12.46 -13.64
CG DTR O 6 14.31 -12.58 -12.17
CD1 DTR O 6 13.65 -13.52 -11.42
NE1 DTR O 6 13.91 -13.32 -10.09
CE2 DTR O 6 14.74 -12.24 -9.96
CZ2 DTR O 6 15.28 -11.67 -8.82
CH2 DTR O 6 16.10 -10.59 -8.98
CZ3 DTR O 6 16.39 -10.08 -10.24
CE3 DTR O 6 15.87 -10.65 -11.39
CD2 DTR O 6 15.02 -11.77 -11.25
C DTR O 6 16.64 -13.33 -13.75
O DTR O 6 17.34 -12.35 -14.04
N DAR O 7 17.07 -14.31 -12.94
CA DAR O 7 18.43 -14.33 -12.47
CB DAR O 7 19.33 -15.04 -13.49
CG DAR O 7 19.12 -16.53 -13.55
CD DAR O 7 19.54 -17.08 -14.89
NE DAR O 7 20.79 -16.47 -15.35
CZ DAR O 7 21.29 -16.63 -16.57
NH1 DAR O 7 22.42 -16.01 -16.89
NH2 DAR O 7 20.68 -17.37 -17.48
C DAR O 7 18.55 -15.03 -11.12
O DAR O 7 17.61 -15.69 -10.68
OXT DAR O 7 19.58 -14.96 -10.45
N DTH P 1 16.49 -17.89 -10.17
CA DTH P 1 15.50 -18.57 -10.99
CB DTH P 1 16.13 -19.69 -11.82
CG2 DTH P 1 17.15 -20.45 -11.00
OG1 DTH P 1 16.78 -19.12 -12.96
C DTH P 1 14.81 -17.60 -11.93
O DTH P 1 15.37 -16.58 -12.31
N DLE P 2 13.59 -17.93 -12.31
CA DLE P 2 12.79 -17.13 -13.22
CB DLE P 2 11.58 -16.54 -12.51
CG DLE P 2 10.66 -15.54 -13.24
CD1 DLE P 2 9.58 -16.26 -14.01
CD2 DLE P 2 11.48 -14.65 -14.14
C DLE P 2 12.37 -18.02 -14.38
O DLE P 2 11.75 -19.07 -14.17
N DLY P 3 12.73 -17.62 -15.61
CA DLY P 3 12.35 -18.37 -16.80
C DLY P 3 11.68 -17.45 -17.80
O DLY P 3 12.23 -16.41 -18.16
CB DLY P 3 13.57 -19.02 -17.43
CG DLY P 3 13.32 -19.57 -18.82
CD DLY P 3 14.52 -20.36 -19.33
CE DLY P 3 14.31 -20.84 -20.75
NZ DLY P 3 14.23 -19.71 -21.71
N DIL P 4 10.48 -17.83 -18.25
CA DIL P 4 9.74 -17.10 -19.25
C DIL P 4 9.46 -18.04 -20.41
O DIL P 4 8.86 -19.10 -20.21
CB DIL P 4 8.41 -16.55 -18.70
CG1 DIL P 4 8.63 -15.80 -17.40
CG2 DIL P 4 7.73 -15.68 -19.75
CD1 DIL P 4 9.62 -14.67 -17.49
N DVA P 5 9.86 -17.64 -21.62
CA DVA P 5 9.49 -18.36 -22.84
CB DVA P 5 10.72 -18.93 -23.55
CG1 DVA P 5 10.40 -19.22 -25.00
CG2 DVA P 5 11.19 -20.20 -22.86
C DVA P 5 8.75 -17.40 -23.75
O DVA P 5 9.27 -16.34 -24.10
N DTR P 6 7.52 -17.77 -24.11
CA DTR P 6 6.75 -17.02 -25.10
CB DTR P 6 5.46 -16.45 -24.50
CG DTR P 6 4.60 -15.81 -25.54
CD1 DTR P 6 4.90 -14.72 -26.27
NE1 DTR P 6 3.87 -14.41 -27.12
CE2 DTR P 6 2.88 -15.33 -26.95
CZ2 DTR P 6 1.64 -15.45 -27.58
CH2 DTR P 6 0.84 -16.48 -27.20
CZ3 DTR P 6 1.23 -17.39 -26.22
CE3 DTR P 6 2.46 -17.27 -25.59
CD2 DTR P 6 3.30 -16.23 -25.96
C DTR P 6 6.38 -17.94 -26.25
O DTR P 6 5.81 -19.02 -26.04
N DAR P 7 6.68 -17.50 -27.47
CA DAR P 7 6.29 -18.26 -28.65
CB DAR P 7 7.51 -18.82 -29.37
CG DAR P 7 8.44 -19.62 -28.46
CD DAR P 7 9.55 -20.27 -29.25
NE DAR P 7 10.51 -20.91 -28.36
CZ DAR P 7 11.65 -20.36 -27.98
NH1 DAR P 7 12.02 -19.17 -28.41
NH2 DAR P 7 12.44 -21.02 -27.14
C DAR P 7 5.47 -17.40 -29.60
O DAR P 7 4.43 -17.82 -30.10
OXT DAR P 7 5.84 -16.27 -29.90
N DTH Q 1 7.63 3.11 21.98
CA DTH Q 1 9.08 3.14 22.13
CB DTH Q 1 9.78 3.22 20.78
CG2 DTH Q 1 8.99 2.46 19.74
OG1 DTH Q 1 11.08 2.65 20.89
C DTH Q 1 9.60 1.92 22.88
O DTH Q 1 8.84 0.99 23.17
N DLE Q 2 10.87 1.95 23.25
CA DLE Q 2 11.48 0.89 24.04
CB DLE Q 2 11.68 1.33 25.50
CG DLE Q 2 12.42 0.38 26.43
CD1 DLE Q 2 11.83 0.45 27.82
CD2 DLE Q 2 13.90 0.71 26.50
C DLE Q 2 12.81 0.52 23.41
O DLE Q 2 13.63 1.39 23.13
N DLY Q 3 13.02 -0.77 23.18
CA DLY Q 3 14.29 -1.30 22.71
C DLY Q 3 14.78 -2.37 23.66
O DLY Q 3 14.02 -3.30 23.99
CB DLY Q 3 14.16 -1.87 21.30
CG DLY Q 3 15.39 -2.66 20.87
CD DLY Q 3 15.16 -3.43 19.59
CE DLY Q 3 16.42 -4.19 19.20
NZ DLY Q 3 16.27 -4.98 17.95
N DIL Q 4 16.04 -2.26 24.07
CA DIL Q 4 16.68 -3.27 24.91
C DIL Q 4 17.97 -3.70 24.25
O DIL Q 4 18.82 -2.86 23.92
CB DIL Q 4 16.97 -2.72 26.31
CG1 DIL Q 4 15.66 -2.39 27.04
CG2 DIL Q 4 17.80 -3.70 27.11
CD1 DIL Q 4 15.88 -1.79 28.40
N DVA Q 5 18.13 -5.00 24.06
CA DVA Q 5 19.41 -5.57 23.64
CB DVA Q 5 19.33 -6.14 22.21
CG1 DVA Q 5 18.06 -6.91 22.03
CG2 DVA Q 5 20.53 -7.03 21.94
C DVA Q 5 19.79 -6.66 24.63
O DVA Q 5 18.97 -7.52 24.95
N DTR Q 6 21.02 -6.60 25.13
CA DTR Q 6 21.58 -7.65 25.96
CB DTR Q 6 21.89 -7.16 27.38
CG DTR Q 6 22.83 -8.09 28.09
CD1 DTR Q 6 22.65 -9.43 28.32
NE1 DTR Q 6 23.73 -9.94 28.99
CE2 DTR Q 6 24.63 -8.94 29.21
CZ2 DTR Q 6 25.87 -8.96 29.86
CH2 DTR Q 6 26.56 -7.79 29.93
CZ3 DTR Q 6 26.05 -6.61 29.40
CE3 DTR Q 6 24.84 -6.57 28.76
CD2 DTR Q 6 24.10 -7.76 28.66
C DTR Q 6 22.84 -8.18 25.31
O DTR Q 6 23.71 -7.40 24.92
N DAR Q 7 22.94 -9.49 25.20
CA DAR Q 7 24.06 -10.12 24.53
CB DAR Q 7 23.58 -10.92 23.33
CG DAR Q 7 24.48 -10.84 22.12
CD DAR Q 7 23.68 -10.66 20.85
NE DAR Q 7 24.49 -10.15 19.77
CZ DAR Q 7 24.03 -9.82 18.56
NH1 DAR Q 7 24.87 -9.36 17.64
NH2 DAR Q 7 22.74 -9.95 18.26
C DAR Q 7 24.83 -11.02 25.49
O DAR Q 7 24.37 -11.33 26.58
OXT DAR Q 7 25.94 -11.46 25.18
N DTH R 1 22.07 -13.46 26.36
CA DTH R 1 20.64 -13.38 26.20
CB DTH R 1 20.19 -13.86 24.81
CG2 DTH R 1 21.09 -14.99 24.34
OG1 DTH R 1 20.27 -12.78 23.88
C DTH R 1 20.15 -11.95 26.40
O DTH R 1 20.87 -11.01 26.10
N DLE R 2 18.95 -11.80 26.94
CA DLE R 2 18.36 -10.49 27.16
CB DLE R 2 18.15 -10.22 28.66
CG DLE R 2 17.17 -9.08 28.91
CD1 DLE R 2 17.76 -7.77 28.47
CD2 DLE R 2 16.78 -9.02 30.38
C DLE R 2 17.04 -10.42 26.43
O DLE R 2 16.14 -11.24 26.67
N DLY R 3 16.91 -9.44 25.55
CA DLY R 3 15.65 -9.17 24.87
C DLY R 3 15.22 -7.75 25.17
O DLY R 3 15.97 -6.80 24.90
CB DLY R 3 15.79 -9.38 23.36
CG DLY R 3 14.58 -8.97 22.58
CD DLY R 3 14.73 -9.28 21.11
CE DLY R 3 13.51 -8.84 20.33
NZ DLY R 3 13.63 -9.16 18.89
N DIL R 4 14.02 -7.59 25.72
CA DIL R 4 13.44 -6.29 26.03
C DIL R 4 12.11 -6.19 25.30
O DIL R 4 11.22 -7.03 25.51
CB DIL R 4 13.24 -6.09 27.52
CG1 DIL R 4 14.58 -5.98 28.23
CG2 DIL R 4 12.40 -4.87 27.79
CD1 DIL R 4 14.45 -5.72 29.71
N DVA R 5 11.94 -5.16 24.49
CA DVA R 5 10.68 -4.89 23.81
CB DVA R 5 10.80 -5.10 22.30
CG1 DVA R 5 9.54 -4.64 21.60
CG2 DVA R 5 11.08 -6.56 22.00
C DVA R 5 10.26 -3.46 24.13
O DVA R 5 11.02 -2.52 23.89
N DTR R 6 9.05 -3.30 24.66
CA DTR R 6 8.48 -1.99 24.92
CB DTR R 6 8.41 -1.69 26.41
CG DTR R 6 7.52 -0.54 26.72
CD1 DTR R 6 7.81 0.79 26.52
NE1 DTR R 6 6.75 1.56 26.91
CE2 DTR R 6 5.75 0.75 27.38
CZ2 DTR R 6 4.50 1.06 27.87
CH2 DTR R 6 3.70 0.02 28.27
CZ3 DTR R 6 4.12 -1.30 28.17
CE3 DTR R 6 5.35 -1.62 27.67
CD2 DTR R 6 6.21 -0.58 27.26
C DTR R 6 7.08 -1.92 24.32
O DTR R 6 6.26 -2.80 24.56
N DAR R 7 6.82 -0.84 23.59
CA DAR R 7 5.56 -0.72 22.85
CB DAR R 7 5.77 -1.01 21.37
CG DAR R 7 6.54 -2.28 21.06
CD DAR R 7 6.62 -2.52 19.57
NE DAR R 7 5.32 -2.81 18.99
CZ DAR R 7 5.06 -2.81 17.69
NH1 DAR R 7 5.99 -2.53 16.80
NH2 DAR R 7 3.83 -3.12 17.28
C DAR R 7 4.96 0.67 23.01
O DAR R 7 3.88 0.85 23.57
OXT DAR R 7 5.55 1.65 22.56
N DTH S 1 24.61 -4.32 35.27
CA DTH S 1 24.03 -3.01 35.57
CB DTH S 1 23.95 -2.76 37.08
CG2 DTH S 1 23.16 -1.50 37.37
OG1 DTH S 1 25.28 -2.62 37.63
C DTH S 1 22.64 -2.89 34.99
O DTH S 1 21.76 -3.68 35.28
N DLE S 2 22.44 -1.86 34.16
CA DLE S 2 21.14 -1.57 33.60
CB DLE S 2 21.11 -1.89 32.10
CG DLE S 2 19.83 -1.52 31.35
CD1 DLE S 2 19.50 -2.60 30.33
CD2 DLE S 2 19.99 -0.19 30.67
C DLE S 2 20.82 -0.10 33.84
O DLE S 2 21.65 0.77 33.55
N DLY S 3 19.64 0.17 34.39
CA DLY S 3 19.20 1.53 34.66
C DLY S 3 17.87 1.78 34.00
O DLY S 3 16.91 1.02 34.20
CB DLY S 3 19.08 1.77 36.17
CG DLY S 3 18.32 3.03 36.53
CD DLY S 3 18.10 3.11 38.02
CE DLY S 3 17.33 4.37 38.40
NZ DLY S 3 16.99 4.37 39.84
N DIL S 4 17.78 2.87 33.24
CA DIL S 4 16.55 3.30 32.58
C DIL S 4 16.19 4.67 33.13
O DIL S 4 16.94 5.64 32.94
CB DIL S 4 16.71 3.37 31.06
CG1 DIL S 4 17.26 2.05 30.52
CG2 DIL S 4 15.40 3.74 30.41
CD1 DIL S 4 16.51 0.85 30.99
N DVA S 5 15.01 4.78 33.74
CA DVA S 5 14.49 6.06 34.16
CB DVA S 5 14.43 6.18 35.69
CG1 DVA S 5 14.03 4.86 36.30
CG2 DVA S 5 13.46 7.27 36.10
C DVA S 5 13.10 6.25 33.55
O DVA S 5 12.22 5.42 33.77
N DTR S 6 12.92 7.32 32.78
CA DTR S 6 11.64 7.67 32.22
CB DTR S 6 11.63 7.55 30.69
CG DTR S 6 10.43 8.20 30.07
CD1 DTR S 6 9.17 7.70 30.01
NE1 DTR S 6 8.34 8.59 29.36
CE2 DTR S 6 9.07 9.68 28.97
CZ2 DTR S 6 8.68 10.82 28.29
CH2 DTR S 6 9.64 11.77 28.04
CZ3 DTR S 6 10.96 11.59 28.45
CE3 DTR S 6 11.35 10.46 29.13
CD2 DTR S 6 10.39 9.47 29.40
C DTR S 6 11.30 9.10 32.60
O DTR S 6 12.11 10.01 32.40
N DAR S 7 10.09 9.30 33.14
CA DAR S 7 9.71 10.60 33.65
CB DAR S 7 9.77 10.61 35.18
CG DAR S 7 11.08 10.10 35.77
CD DAR S 7 11.12 10.23 37.28
NE DAR S 7 10.08 9.44 37.94
CZ DAR S 7 8.93 9.93 38.37
NH1 DAR S 7 8.63 11.21 38.23
NH2 DAR S 7 8.06 9.12 38.96
C DAR S 7 8.32 11.01 33.19
O DAR S 7 7.55 10.16 32.74
OXT DAR S 7 7.94 12.17 33.25
N DTH T 1 5.95 8.26 34.26
CA DTH T 1 6.05 6.80 34.35
CB DTH T 1 5.90 6.32 35.80
CG2 DTH T 1 4.80 7.11 36.50
OG1 DTH T 1 7.13 6.50 36.50
C DTH T 1 7.38 6.32 33.82
O DTH T 1 8.29 7.10 33.57
N DLE T 2 7.48 5.01 33.62
CA DLE T 2 8.68 4.39 33.09
CB DLE T 2 8.44 3.83 31.69
CG DLE T 2 9.63 3.10 31.09
CD1 DLE T 2 10.73 4.08 30.77
CD2 DLE T 2 9.23 2.31 29.86
C DLE T 2 9.11 3.26 34.02
O DLE T 2 8.30 2.37 34.31
N DLY T 3 10.35 3.31 34.47
CA DLY T 3 10.92 2.24 35.27
C DLY T 3 12.17 1.71 34.59
O DLY T 3 13.08 2.47 34.29
CB DLY T 3 11.25 2.72 36.68
CG DLY T 3 10.12 2.57 37.67
CD DLY T 3 10.43 3.23 39.00
CE DLY T 3 10.36 4.74 38.87
NZ DLY T 3 9.03 5.18 38.37
N DIL T 4 12.19 0.41 34.36
CA DIL T 4 13.32 -0.29 33.75
C DIL T 4 13.79 -1.35 34.72
O DIL T 4 13.02 -2.25 35.08
CB DIL T 4 12.93 -0.94 32.42
CG1 DIL T 4 12.22 0.08 31.51
CG2 DIL T 4 14.14 -1.55 31.75
CD1 DIL T 4 13.02 1.32 31.28
N DVA T 5 15.06 -1.27 35.12
CA DVA T 5 15.65 -2.29 35.98
CB DVA T 5 15.91 -1.74 37.40
CG1 DVA T 5 14.62 -1.66 38.16
CG2 DVA T 5 16.54 -0.36 37.32
C DVA T 5 16.94 -2.77 35.34
O DVA T 5 17.83 -1.98 35.03
N DTR T 6 17.06 -4.10 35.19
CA DTR T 6 18.28 -4.72 34.72
CB DTR T 6 18.10 -5.35 33.34
CG DTR T 6 19.36 -5.96 32.79
CD1 DTR T 6 20.41 -5.28 32.25
NE1 DTR T 6 21.38 -6.17 31.84
CE2 DTR T 6 20.96 -7.44 32.12
CZ2 DTR T 6 21.58 -8.66 31.89
CH2 DTR T 6 20.92 -9.80 32.27
CZ3 DTR T 6 19.66 -9.73 32.86
CE3 DTR T 6 19.03 -8.52 33.09
CD2 DTR T 6 19.69 -7.34 32.72
C DTR T 6 18.73 -5.76 35.73
O DTR T 6 17.95 -6.64 36.11
N DAR T 7 19.99 -5.69 36.14
CA DAR T 7 20.53 -6.64 37.10
CB DAR T 7 20.75 -5.97 38.45
CG DAR T 7 19.48 -5.39 39.05
CD DAR T 7 19.71 -4.97 40.49
NE DAR T 7 18.48 -4.52 41.13
CZ DAR T 7 18.10 -3.26 41.23
NH1 DAR T 7 18.84 -2.27 40.74
NH2 DAR T 7 16.96 -2.96 41.85
C DAR T 7 21.84 -7.25 36.59
O DAR T 7 22.08 -8.44 36.74
OXT DAR T 7 22.69 -6.56 36.04
N DTH U 1 -2.85 4.06 -23.13
CA DTH U 1 -3.54 5.33 -22.90
CB DTH U 1 -3.36 5.81 -21.46
CG2 DTH U 1 -2.08 5.27 -20.86
OG1 DTH U 1 -4.47 5.35 -20.67
C DTH U 1 -5.02 5.21 -23.20
O DTH U 1 -5.61 4.14 -23.02
N DLE U 2 -5.60 6.30 -23.66
CA DLE U 2 -7.03 6.38 -23.92
CB DLE U 2 -7.32 6.44 -25.42
CG DLE U 2 -8.74 6.71 -25.86
CD1 DLE U 2 -9.10 5.83 -27.04
CD2 DLE U 2 -8.90 8.16 -26.25
C DLE U 2 -7.59 7.61 -23.22
O DLE U 2 -7.02 8.69 -23.33
N DLY U 3 -8.67 7.43 -22.47
CA DLY U 3 -9.30 8.54 -21.76
C DLY U 3 -10.77 8.59 -22.12
O DLY U 3 -11.48 7.58 -22.01
CB DLY U 3 -9.13 8.39 -20.25
CG DLY U 3 -7.71 8.08 -19.82
CD DLY U 3 -7.63 7.96 -18.31
CE DLY U 3 -6.24 7.54 -17.87
NZ DLY U 3 -6.13 7.52 -16.39
N DIL U 4 -11.24 9.76 -22.52
CA DIL U 4 -12.65 10.01 -22.82
C DIL U 4 -13.11 11.19 -22.00
O DIL U 4 -12.53 12.27 -22.07
CB DIL U 4 -12.87 10.32 -24.31
CG1 DIL U 4 -12.03 9.40 -25.19
CG2 DIL U 4 -14.34 10.20 -24.65
CD1 DIL U 4 -12.42 7.97 -25.10
N DVA U 5 -14.20 11.00 -21.25
CA DVA U 5 -14.90 12.10 -20.61
CB DVA U 5 -14.79 12.06 -19.07
CG1 DVA U 5 -15.06 10.67 -18.56
CG2 DVA U 5 -15.76 13.03 -18.45
C DVA U 5 -16.36 12.05 -21.05
O DVA U 5 -17.00 11.00 -20.95
N DTR U 6 -16.87 13.18 -21.54
CA DTR U 6 -18.27 13.32 -21.90
CB DTR U 6 -18.46 13.47 -23.40
CG DTR U 6 -19.86 13.88 -23.77
CD1 DTR U 6 -20.97 13.09 -23.79
NE1 DTR U 6 -22.07 13.82 -24.16
CE2 DTR U 6 -21.69 15.11 -24.39
CZ2 DTR U 6 -22.44 16.21 -24.78
CH2 DTR U 6 -21.79 17.40 -24.93
CZ3 DTR U 6 -20.42 17.51 -24.71
CE3 DTR U 6 -19.66 16.43 -24.32
CD2 DTR U 6 -20.30 15.19 -24.15
C DTR U 6 -18.85 14.53 -21.19
O DTR U 6 -18.28 15.61 -21.24
N DAR U 7 -20.02 14.34 -20.59
CA DAR U 7 -20.71 15.43 -19.94
CB DAR U 7 -20.89 15.15 -18.45
CG DAR U 7 -19.62 14.81 -17.71
CD DAR U 7 -19.91 14.65 -16.23
NE DAR U 7 -18.87 13.94 -15.51
CZ DAR U 7 -17.83 14.51 -14.92
NH1 DAR U 7 -17.66 15.82 -14.94
NH2 DAR U 7 -16.95 13.75 -14.27
C DAR U 7 -22.06 15.64 -20.60
O DAR U 7 -22.63 14.70 -21.14
OXT DAR U 7 -22.61 16.74 -20.60
N DTH V 1 -23.23 12.41 -19.44
CA DTH V 1 -23.02 11.02 -19.81
CB DTH V 1 -23.05 10.10 -18.58
CG2 DTH V 1 -21.92 10.46 -17.65
OG1 DTH V 1 -22.90 8.75 -19.01
C DTH V 1 -21.69 10.84 -20.53
O DTH V 1 -20.94 11.79 -20.69
N DLE V 2 -21.42 9.62 -20.96
CA DLE V 2 -20.19 9.32 -21.68
CB DLE V 2 -20.48 8.96 -23.14
CG DLE V 2 -19.26 8.36 -23.84
CD1 DLE V 2 -18.20 9.42 -24.02
CD2 DLE V 2 -19.66 7.75 -25.17
C DLE V 2 -19.48 8.16 -21.00
O DLE V 2 -20.03 7.08 -20.87
N DLY V 3 -18.22 8.39 -20.61
CA DLY V 3 -17.36 7.33 -20.09
C DLY V 3 -16.14 7.23 -21.00
O DLY V 3 -15.43 8.23 -21.20
CB DLY V 3 -16.94 7.62 -18.66
CG DLY V 3 -18.10 7.92 -17.73
CD DLY V 3 -17.60 8.13 -16.30
CE DLY V 3 -18.73 8.42 -15.35
NZ DLY V 3 -19.41 9.69 -15.70
N DIL V 4 -15.89 6.05 -21.54
CA DIL V 4 -14.77 5.80 -22.42
C DIL V 4 -13.97 4.64 -21.86
O DIL V 4 -14.51 3.53 -21.69
CB DIL V 4 -15.22 5.48 -23.86
CG1 DIL V 4 -15.73 6.74 -24.54
CG2 DIL V 4 -14.09 4.85 -24.64
CD1 DIL V 4 -16.25 6.50 -25.92
N DVA V 5 -12.69 4.87 -21.60
CA DVA V 5 -11.79 3.82 -21.15
CB DVA V 5 -11.39 4.00 -19.67
CG1 DVA V 5 -11.16 5.46 -19.39
CG2 DVA V 5 -10.15 3.20 -19.38
C DVA V 5 -10.56 3.84 -22.04
O DVA V 5 -9.95 4.89 -22.21
N DTR V 6 -10.22 2.68 -22.60
CA DTR V 6 -9.03 2.54 -23.42
CB DTR V 6 -9.40 2.25 -24.87
CG DTR V 6 -8.22 2.08 -25.76
CD1 DTR V 6 -7.23 2.97 -25.99
NE1 DTR V 6 -6.30 2.46 -26.87
CE2 DTR V 6 -6.71 1.20 -27.24
CZ2 DTR V 6 -6.11 0.30 -28.10
CH2 DTR V 6 -6.74 -0.90 -28.28
CZ3 DTR V 6 -7.94 -1.21 -27.62
CE3 DTR V 6 -8.53 -0.30 -26.76
CD2 DTR V 6 -7.91 0.93 -26.56
C DTR V 6 -8.19 1.42 -22.85
O DTR V 6 -8.69 0.32 -22.63
N DAR V 7 -6.91 1.71 -22.61
CA DAR V 7 -6.05 0.75 -21.96
CB DAR V 7 -5.88 1.11 -20.48
CG DAR V 7 -4.96 0.18 -19.71
CD DAR V 7 -4.77 0.64 -18.29
NE DAR V 7 -6.02 0.68 -17.55
CZ DAR V 7 -6.72 1.77 -17.30
NH1 DAR V 7 -6.32 2.96 -17.74
NH2 DAR V 7 -7.85 1.69 -16.61
C DAR V 7 -4.68 0.68 -22.64
O DAR V 7 -4.07 -0.38 -22.72
OXT DAR V 7 -4.17 1.68 -23.11
N DTH W 1 -25.00 6.84 -31.46
CA DTH W 1 -23.65 6.91 -31.98
CB DTH W 1 -23.62 6.96 -33.51
CG2 DTH W 1 -24.45 5.82 -34.09
OG1 DTH W 1 -22.28 6.82 -33.97
C DTH W 1 -22.81 5.73 -31.52
O DTH W 1 -23.31 4.61 -31.41
N DLE W 2 -21.54 5.98 -31.27
CA DLE W 2 -20.60 4.94 -30.89
CB DLE W 2 -20.20 5.07 -29.42
CG DLE W 2 -18.97 4.30 -28.96
CD1 DLE W 2 -19.22 3.70 -27.58
CD2 DLE W 2 -17.77 5.21 -28.91
C DLE W 2 -19.38 5.03 -31.79
O DLE W 2 -18.78 6.09 -31.93
N DLY W 3 -19.01 3.90 -32.38
CA DLY W 3 -17.83 3.80 -33.23
C DLY W 3 -16.90 2.75 -32.65
O DLY W 3 -17.31 1.60 -32.46
CB DLY W 3 -18.21 3.45 -34.66
CG DLY W 3 -17.02 3.07 -35.53
CD DLY W 3 -17.47 2.46 -36.85
CE DLY W 3 -16.28 1.96 -37.65
NZ DLY W 3 -16.70 1.21 -38.87
N DIL W 4 -15.67 3.14 -32.38
CA DIL W 4 -14.63 2.25 -31.89
C DIL W 4 -13.53 2.19 -32.93
O DIL W 4 -12.87 3.20 -33.19
CB DIL W 4 -14.05 2.70 -30.54
CG1 DIL W 4 -15.17 2.99 -29.56
CG2 DIL W 4 -13.12 1.66 -29.98
CD1 DIL W 4 -16.11 1.85 -29.36
N DVA W 5 -13.29 1.01 -33.49
CA DVA W 5 -12.19 0.81 -34.41
CB DVA W 5 -12.66 0.52 -35.84
CG1 DVA W 5 -13.94 -0.29 -35.81
CG2 DVA W 5 -11.59 -0.22 -36.61
C DVA W 5 -11.33 -0.32 -33.88
O DVA W 5 -11.82 -1.44 -33.69
N DTR W 6 -10.06 -0.04 -33.66
CA DTR W 6 -9.10 -1.07 -33.25
CB DTR W 6 -8.54 -0.79 -31.86
CG DTR W 6 -7.57 -1.84 -31.42
CD1 DTR W 6 -7.84 -2.94 -30.65
NE1 DTR W 6 -6.70 -3.68 -30.46
CE2 DTR W 6 -5.67 -3.06 -31.10
CZ2 DTR W 6 -4.33 -3.44 -31.20
CH2 DTR W 6 -3.50 -2.63 -31.92
CZ3 DTR W 6 -3.97 -1.47 -32.54
CE3 DTR W 6 -5.30 -1.09 -32.44
CD2 DTR W 6 -6.17 -1.91 -31.72
C DTR W 6 -7.96 -1.09 -34.25
O DTR W 6 -7.34 -0.05 -34.51
N DAR W 7 -7.67 -2.27 -34.78
CA DAR W 7 -6.54 -2.43 -35.68
CB DAR W 7 -7.01 -2.88 -37.07
CG DAR W 7 -5.95 -3.61 -37.87
CD DAR W 7 -6.36 -3.77 -39.33
NE DAR W 7 -6.02 -2.59 -40.13
CZ DAR W 7 -6.33 -2.44 -41.40
NH1 DAR W 7 -5.96 -1.33 -42.04
NH2 DAR W 7 -7.02 -3.36 -42.07
C DAR W 7 -5.57 -3.43 -35.09
O DAR W 7 -5.98 -4.45 -34.55
OXT DAR W 7 -4.35 -3.24 -35.13
N DTH X 1 -7.49 -6.90 -34.65
CA DTH X 1 -8.95 -6.96 -34.75
CB DTH X 1 -9.42 -7.02 -36.21
CG2 DTH X 1 -10.88 -7.38 -36.27
OG1 DTH X 1 -8.66 -8.02 -36.90
C DTH X 1 -9.57 -5.75 -34.07
O DTH X 1 -9.08 -4.63 -34.21
N DLE X 2 -10.61 -5.99 -33.29
CA DLE X 2 -11.31 -4.93 -32.59
CB DLE X 2 -11.10 -5.03 -31.08
CG DLE X 2 -12.00 -4.13 -30.24
CD1 DLE X 2 -11.20 -3.37 -29.21
CD2 DLE X 2 -13.06 -4.95 -29.54
C DLE X 2 -12.79 -5.02 -32.91
O DLE X 2 -13.40 -6.10 -32.77
N DLY X 3 -13.36 -3.92 -33.37
CA DLY X 3 -14.79 -3.84 -33.63
C DLY X 3 -15.38 -2.69 -32.83
O DLY X 3 -14.90 -1.56 -32.91
CB DLY X 3 -15.07 -3.64 -35.13
CG DLY X 3 -14.44 -4.72 -36.01
CD DLY X 3 -14.72 -4.44 -37.48
CE DLY X 3 -14.21 -5.57 -38.39
NZ DLY X 3 -12.73 -5.66 -38.43
N DIL X 4 -16.42 -2.99 -32.05
CA DIL X 4 -17.16 -2.00 -31.29
C DIL X 4 -18.58 -1.96 -31.82
O DIL X 4 -19.29 -2.96 -31.77
CB DIL X 4 -17.18 -2.35 -29.79
CG1 DIL X 4 -15.77 -2.65 -29.28
CG2 DIL X 4 -17.84 -1.25 -29.00
CD1 DIL X 4 -14.78 -1.58 -29.57
N DVA X 5 -19.00 -0.79 -32.30
CA DVA X 5 -20.38 -0.60 -32.73
CB DVA X 5 -20.46 -0.24 -34.22
CG1 DVA X 5 -21.90 0.00 -34.62
CG2 DVA X 5 -19.85 -1.36 -35.06
C DVA X 5 -20.99 0.50 -31.88
O DVA X 5 -20.53 1.65 -31.91
N DTR X 6 -22.07 0.17 -31.18
CA DTR X 6 -22.83 1.16 -30.42
CB DTR X 6 -22.76 0.89 -28.92
CG DTR X 6 -23.91 1.49 -28.17
CD1 DTR X 6 -25.08 0.89 -27.83
NE1 DTR X 6 -25.88 1.75 -27.14
CE2 DTR X 6 -25.24 2.95 -27.02
CZ2 DTR X 6 -25.64 4.13 -26.41
CH2 DTR X 6 -24.78 5.19 -26.43
CZ3 DTR X 6 -23.53 5.09 -27.06
CE3 DTR X 6 -23.12 3.92 -27.67
CD2 DTR X 6 -23.99 2.82 -27.65
C DTR X 6 -24.28 1.14 -30.87
O DTR X 6 -24.94 0.10 -30.81
N DAR X 7 -24.79 2.31 -31.27
CA DAR X 7 -26.19 2.45 -31.61
CB DAR X 7 -26.36 2.71 -33.11
CG DAR X 7 -25.74 1.65 -33.98
CD DAR X 7 -25.77 2.06 -35.43
NE DAR X 7 -24.91 1.21 -36.24
CZ DAR X 7 -24.68 1.40 -37.53
NH1 DAR X 7 -25.24 2.40 -38.19
NH2 DAR X 7 -23.88 0.56 -38.18
C DAR X 7 -26.85 3.56 -30.80
O DAR X 7 -28.04 3.53 -30.54
OXT DAR X 7 -26.18 4.53 -30.42
N DTH Y 1 7.37 -11.84 18.80
CA DTH Y 1 6.76 -11.12 17.69
CB DTH Y 1 5.47 -10.42 18.10
CG2 DTH Y 1 5.00 -9.49 17.00
OG1 DTH Y 1 5.71 -9.66 19.30
C DTH Y 1 6.46 -12.07 16.55
O DTH Y 1 5.70 -13.03 16.71
N DLE Y 2 7.05 -11.82 15.39
CA DLE Y 2 6.76 -12.58 14.18
CB DLE Y 2 7.99 -13.28 13.63
CG DLE Y 2 7.80 -13.86 12.23
CD1 DLE Y 2 6.98 -15.12 12.28
CD2 DLE Y 2 9.13 -14.12 11.57
C DLE Y 2 6.20 -11.62 13.15
O DLE Y 2 6.88 -10.64 12.79
N DLY Y 3 5.00 -11.88 12.68
CA DLY Y 3 4.41 -11.13 11.59
C DLY Y 3 4.05 -12.11 10.49
O DLY Y 3 3.31 -13.06 10.72
CB DLY Y 3 3.16 -10.36 12.03
CG DLY Y 3 2.37 -9.80 10.86
CD DLY Y 3 1.04 -9.23 11.31
CE DLY Y 3 0.13 -8.91 10.13
NZ DLY Y 3 0.67 -7.82 9.27
N DIL Y 4 4.59 -11.88 9.30
CA DIL Y 4 4.22 -12.63 8.11
C DIL Y 4 3.83 -11.63 7.04
O DIL Y 4 4.58 -10.67 6.78
CB DIL Y 4 5.37 -13.53 7.62
CG1 DIL Y 4 5.14 -13.92 6.17
CG2 DIL Y 4 6.69 -12.83 7.78
CD1 DIL Y 4 6.28 -14.69 5.57
N DVA Y 5 2.67 -11.82 6.45
CA DVA Y 5 2.21 -11.03 5.32
CB DVA Y 5 1.03 -10.12 5.70
CG1 DVA Y 5 0.20 -10.79 6.76
CG2 DVA Y 5 0.19 -9.82 4.48
C DVA Y 5 1.83 -11.98 4.20
O DVA Y 5 1.10 -12.96 4.44
N DTR Y 6 2.31 -11.71 3.00
CA DTR Y 6 1.82 -12.35 1.80
CB DTR Y 6 2.92 -13.15 1.10
CG DTR Y 6 2.53 -13.59 -0.26
CD1 DTR Y 6 1.90 -14.75 -0.59
NE1 DTR Y 6 1.69 -14.81 -1.95
CE2 DTR Y 6 2.20 -13.66 -2.52
CZ2 DTR Y 6 2.24 -13.26 -3.84
CH2 DTR Y 6 2.82 -12.06 -4.13
CZ3 DTR Y 6 3.35 -11.26 -3.12
CE3 DTR Y 6 3.32 -11.65 -1.80
CD2 DTR Y 6 2.74 -12.88 -1.48
C DTR Y 6 1.29 -11.26 0.87
O DTR Y 6 1.99 -10.28 0.60
N DAR Y 7 0.06 -11.45 0.39
CA DAR Y 7 -0.57 -10.45 -0.46
CB DAR Y 7 -1.48 -9.54 0.35
CG DAR Y 7 -2.78 -10.17 0.79
CD DAR Y 7 -3.82 -9.13 1.22
NE DAR Y 7 -3.39 -8.36 2.39
CZ DAR Y 7 -3.09 -7.07 2.37
NH1 DAR Y 7 -3.17 -6.36 1.26
NH2 DAR Y 7 -2.69 -6.48 3.49
C DAR Y 7 -1.36 -11.12 -1.57
O DAR Y 7 -1.25 -12.33 -1.79
OXT DAR Y 7 -2.11 -10.48 -2.30
N DTH Z 1 9.72 -17.20 -2.53
CA DTH Z 1 10.94 -17.05 -1.74
CB DTH Z 1 12.04 -18.00 -2.22
CG2 DTH Z 1 11.46 -19.36 -2.56
OG1 DTH Z 1 13.03 -18.15 -1.19
C DTH Z 1 10.67 -17.31 -0.28
O DTH Z 1 9.99 -18.27 0.07
N DLE Z 2 11.22 -16.45 0.56
CA DLE Z 2 11.10 -16.59 2.01
CB DLE Z 2 10.30 -15.45 2.64
CG DLE Z 2 10.51 -15.39 4.14
CD1 DLE Z 2 9.89 -16.60 4.80
CD2 DLE Z 2 9.94 -14.12 4.72
C DLE Z 2 12.50 -16.59 2.62
O DLE Z 2 13.30 -15.68 2.35
N DLY Z 3 12.78 -17.60 3.42
CA DLY Z 3 14.03 -17.66 4.17
C DLY Z 3 13.68 -17.83 5.64
O DLY Z 3 12.96 -18.77 6.01
CB DLY Z 3 14.92 -18.81 3.70
CG DLY Z 3 16.17 -18.99 4.53
CD DLY Z 3 17.21 -19.79 3.77
CE DLY Z 3 16.66 -21.12 3.32
NZ DLY Z 3 17.63 -21.86 2.46
N DIL Z 4 14.18 -16.92 6.47
CA DIL Z 4 13.97 -16.99 7.91
C DIL Z 4 15.32 -16.80 8.59
O DIL Z 4 16.07 -15.87 8.25
CB DIL Z 4 12.97 -15.93 8.40
CG1 DIL Z 4 13.31 -15.49 9.81
CG2 DIL Z 4 12.95 -14.76 7.47
CD1 DIL Z 4 12.58 -14.26 10.27
N DVA Z 5 15.62 -17.67 9.54
CA DVA Z 5 16.83 -17.57 10.35
CB DVA Z 5 17.84 -18.68 10.00
CG1 DVA Z 5 18.50 -18.38 8.68
CG2 DVA Z 5 17.14 -20.01 9.92
C DVA Z 5 16.41 -17.66 11.82
O DVA Z 5 15.67 -18.57 12.21
N DTR Z 6 16.88 -16.71 12.62
CA DTR Z 6 16.68 -16.74 14.06
CB DTR Z 6 15.87 -15.54 14.53
CG DTR Z 6 15.76 -15.46 16.02
CD1 DTR Z 6 14.99 -16.23 16.83
NE1 DTR Z 6 15.15 -15.87 18.14
CE2 DTR Z 6 16.06 -14.84 18.20
CZ2 DTR Z 6 16.55 -14.15 19.29
CH2 DTR Z 6 17.46 -13.16 19.06
CZ3 DTR Z 6 17.89 -12.85 17.75
CE3 DTR Z 6 17.40 -13.55 16.66
CD2 DTR Z 6 16.47 -14.56 16.88
C DTR Z 6 18.05 -16.74 14.73
O DTR Z 6 18.88 -15.88 14.44
N DAR Z 7 18.27 -17.72 15.60
CA DAR Z 7 19.57 -17.87 16.22
CB DAR Z 7 20.27 -19.12 15.70
CG DAR Z 7 20.30 -19.23 14.17
CD DAR Z 7 21.08 -20.47 13.74
NE DAR Z 7 20.88 -20.81 12.34
CZ DAR Z 7 21.69 -20.44 11.35
NH1 DAR Z 7 22.75 -19.69 11.57
NH2 DAR Z 7 21.42 -20.84 10.12
C DAR Z 7 19.42 -17.96 17.73
O DAR Z 7 18.41 -18.47 18.24
OXT DAR Z 7 20.28 -17.51 18.49
N DTH AA 1 -3.77 -7.86 -11.76
CA DTH AA 1 -3.31 -7.15 -10.58
CB DTH AA 1 -2.13 -7.86 -9.92
CG2 DTH AA 1 -1.10 -8.24 -10.96
OG1 DTH AA 1 -2.60 -9.04 -9.28
C DTH AA 1 -4.42 -7.00 -9.58
O DTH AA 1 -5.14 -7.96 -9.29
N DLE AA 2 -4.59 -5.79 -9.05
CA DLE AA 2 -5.64 -5.49 -8.09
CB DLE AA 2 -6.66 -4.51 -8.68
CG DLE AA 2 -7.74 -4.08 -7.70
CD1 DLE AA 2 -8.64 -5.25 -7.41
CD2 DLE AA 2 -8.54 -2.92 -8.24
C DLE AA 2 -5.01 -4.88 -6.85
O DLE AA 2 -4.32 -3.88 -6.94
N DLY AA 3 -5.25 -5.51 -5.71
CA DLY AA 3 -4.83 -4.98 -4.42
C DLY AA 3 -6.05 -4.85 -3.53
O DLY AA 3 -6.76 -5.85 -3.31
CB DLY AA 3 -3.80 -5.89 -3.76
CG DLY AA 3 -2.50 -6.02 -4.52
CD DLY AA 3 -2.39 -7.36 -5.21
CE DLY AA 3 -0.98 -7.62 -5.70
NZ DLY AA 3 -0.82 -8.99 -6.22
N DIL AA 4 -6.31 -3.66 -3.04
CA DIL AA 4 -7.42 -3.39 -2.12
C DIL AA 4 -6.92 -2.56 -0.97
O DIL AA 4 -6.20 -1.57 -1.17
CB DIL AA 4 -8.58 -2.68 -2.84
CG1 DIL AA 4 -9.30 -1.74 -1.89
CG2 DIL AA 4 -8.07 -1.94 -4.05
CD1 DIL AA 4 -10.39 -0.92 -2.55
N DVA AA 5 -7.27 -2.95 0.25
CA DVA AA 5 -6.95 -2.20 1.45
CB DVA AA 5 -5.81 -2.87 2.24
CG1 DVA AA 5 -5.75 -4.34 1.91
CG2 DVA AA 5 -6.01 -2.67 3.73
C DVA AA 5 -8.20 -2.06 2.30
O DVA AA 5 -8.93 -3.05 2.49
N DTR AA 6 -8.46 -0.86 2.79
CA DTR AA 6 -9.56 -0.57 3.68
CB DTR AA 6 -10.62 0.29 2.98
CG DTR AA 6 -11.73 0.74 3.89
CD1 DTR AA 6 -12.71 -0.05 4.44
NE1 DTR AA 6 -13.55 0.72 5.20
CE2 DTR AA 6 -13.12 2.02 5.17
CZ2 DTR AA 6 -13.65 3.15 5.77
CH2 DTR AA 6 -13.01 4.34 5.55
CZ3 DTR AA 6 -11.87 4.42 4.74
CE3 DTR AA 6 -11.36 3.30 4.14
CD2 DTR AA 6 -11.99 2.07 4.34
C DTR AA 6 -9.02 0.15 4.90
O DTR AA 6 -8.28 1.13 4.77
N DAR AA 7 -9.34 -0.36 6.08
CA DAR AA 7 -8.83 0.24 7.30
CB DAR AA 7 -7.55 -0.45 7.75
CG DAR AA 7 -7.75 -1.84 8.30
CD DAR AA 7 -6.44 -2.50 8.67
NE DAR AA 7 -5.51 -2.50 7.56
CZ DAR AA 7 -4.47 -3.32 7.46
NH1 DAR AA 7 -3.66 -3.22 6.40
NH2 DAR AA 7 -4.23 -4.24 8.37
C DAR AA 7 -9.87 0.17 8.41
O DAR AA 7 -10.78 -0.66 8.36
OXT DAR AA 7 -9.83 0.93 9.37
N DTH BA 1 -12.26 -2.92 8.77
CA DTH BA 1 -12.10 -4.08 7.91
CB DTH BA 1 -10.96 -5.00 8.38
CG2 DTH BA 1 -11.01 -5.17 9.89
OG1 DTH BA 1 -9.71 -4.43 8.02
C DTH BA 1 -11.81 -3.65 6.47
O DTH BA 1 -11.09 -2.68 6.25
N DLE BA 2 -12.37 -4.37 5.52
CA DLE BA 2 -12.09 -4.17 4.11
CB DLE BA 2 -13.30 -3.59 3.36
CG DLE BA 2 -13.10 -3.19 1.90
CD1 DLE BA 2 -14.01 -2.04 1.56
CD2 DLE BA 2 -13.36 -4.34 0.95
C DLE BA 2 -11.69 -5.50 3.51
O DLE BA 2 -12.41 -6.50 3.69
N DLY BA 3 -10.57 -5.53 2.83
CA DLY BA 3 -10.14 -6.72 2.11
C DLY BA 3 -9.62 -6.31 0.74
O DLY BA 3 -8.91 -5.30 0.63
CB DLY BA 3 -9.06 -7.47 2.88
CG DLY BA 3 -8.06 -6.58 3.54
CD DLY BA 3 -7.16 -7.36 4.48
CE DLY BA 3 -7.93 -7.83 5.70
NZ DLY BA 3 -8.43 -6.67 6.50
N DIL BA 4 -10.02 -7.04 -0.29
CA DIL BA 4 -9.63 -6.77 -1.66
C DIL BA 4 -9.19 -8.08 -2.30
O DIL BA 4 -9.87 -9.11 -2.12
CB DIL BA 4 -10.77 -6.14 -2.47
CG1 DIL BA 4 -10.72 -6.59 -3.93
CG2 DIL BA 4 -12.10 -6.49 -1.87
CD1 DIL BA 4 -11.86 -6.09 -4.77
N DVA BA 5 -8.09 -8.05 -3.02
CA DVA BA 5 -7.59 -9.20 -3.76
CB DVA BA 5 -6.25 -9.70 -3.22
CG1 DVA BA 5 -5.76 -10.86 -4.05
CG2 DVA BA 5 -6.40 -10.08 -1.77
C DVA BA 5 -7.46 -8.78 -5.22
O DVA BA 5 -6.80 -7.78 -5.52
N DTR BA 6 -8.11 -9.53 -6.11
CA DTR BA 6 -7.95 -9.33 -7.54
CB DTR BA 6 -9.23 -8.81 -8.19
CG DTR BA 6 -9.29 -9.12 -9.65
CD1 DTR BA 6 -9.95 -10.16 -10.24
NE1 DTR BA 6 -9.77 -10.14 -11.59
CE2 DTR BA 6 -8.97 -9.07 -11.91
CZ2 DTR BA 6 -8.50 -8.64 -13.14
CH2 DTR BA 6 -7.69 -7.53 -13.16
CZ3 DTR BA 6 -7.36 -6.86 -11.99
CE3 DTR BA 6 -7.82 -7.29 -10.76
CD2 DTR BA 6 -8.64 -8.42 -10.71
C DTR BA 6 -7.58 -10.65 -8.18
O DTR BA 6 -8.24 -11.67 -7.95
N DAR BA 7 -6.53 -10.63 -9.00
CA DAR BA 7 -6.11 -11.84 -9.70
CB DAR BA 7 -5.09 -12.60 -8.86
CG DAR BA 7 -3.72 -11.98 -8.85
CD DAR BA 7 -2.80 -12.69 -7.89
NE DAR BA 7 -3.08 -12.31 -6.51
CZ DAR BA 7 -2.48 -12.85 -5.47
NH1 DAR BA 7 -2.79 -12.41 -4.24
NH2 DAR BA 7 -1.60 -13.82 -5.59
C DAR BA 7 -5.54 -11.50 -11.05
O DAR BA 7 -5.56 -12.31 -11.98
OXT DAR BA 7 -5.04 -10.39 -11.26
N DTH CA 1 -22.19 5.27 5.79
CA DTH CA 1 -21.60 5.53 4.48
CB DTH CA 1 -22.57 6.26 3.54
CG2 DTH CA 1 -23.28 7.36 4.29
OG1 DTH CA 1 -23.55 5.33 3.06
C DTH CA 1 -21.18 4.23 3.82
O DTH CA 1 -21.88 3.22 3.91
N DLE CA 2 -20.02 4.25 3.19
CA DLE CA 2 -19.50 3.10 2.45
CB DLE CA 2 -18.24 2.55 3.12
CG DLE CA 2 -17.64 1.36 2.38
CD1 DLE CA 2 -18.62 0.21 2.41
CD2 DLE CA 2 -16.33 0.96 3.00
C DLE CA 2 -19.19 3.53 1.03
O DLE CA 2 -18.48 4.52 0.81
N DLY CA 3 -19.70 2.78 0.06
CA DLY CA 3 -19.37 3.00 -1.34
C DLY CA 3 -18.80 1.72 -1.94
O DLY CA 3 -19.43 0.66 -1.87
CB DLY CA 3 -20.60 3.43 -2.14
CG DLY CA 3 -20.40 3.35 -3.63
CD DLY CA 3 -21.62 3.78 -4.41
CE DLY CA 3 -21.39 3.66 -5.91
NZ DLY CA 3 -22.61 3.98 -6.69
N DIL CA 4 -17.65 1.84 -2.58
CA DIL CA 4 -17.00 0.73 -3.26
C DIL CA 4 -16.77 1.13 -4.71
O DIL CA 4 -16.09 2.13 -4.98
CB DIL CA 4 -15.65 0.37 -2.61
CG1 DIL CA 4 -15.77 0.40 -1.10
CG2 DIL CA 4 -15.18 -0.97 -3.10
CD1 DIL CA 4 -16.69 -0.63 -0.57
N DVA CA 5 -17.28 0.32 -5.63
CA DVA CA 5 -16.98 0.48 -7.04
CB DVA CA 5 -18.19 0.97 -7.84
CG1 DVA CA 5 -19.45 0.31 -7.33
CG2 DVA CA 5 -18.01 0.71 -9.31
C DVA CA 5 -16.47 -0.85 -7.59
O DVA CA 5 -17.15 -1.87 -7.45
N DTR CA 6 -15.31 -0.83 -8.23
CA DTR CA 6 -14.78 -1.95 -8.98
CB DTR CA 6 -13.46 -2.46 -8.42
CG DTR CA 6 -12.65 -3.22 -9.42
CD1 DTR CA 6 -11.67 -2.71 -10.22
NE1 DTR CA 6 -11.16 -3.71 -11.02
CE2 DTR CA 6 -11.81 -4.88 -10.74
CZ2 DTR CA 6 -11.64 -6.15 -11.29
CH2 DTR CA 6 -12.44 -7.15 -10.81
CZ3 DTR CA 6 -13.39 -6.91 -9.82
CE3 DTR CA 6 -13.56 -5.64 -9.28
CD2 DTR CA 6 -12.76 -4.61 -9.75
C DTR CA 6 -14.58 -1.52 -10.42
O DTR CA 6 -13.93 -0.51 -10.68
N DAR CA 7 -15.10 -2.31 -11.35
CA DAR CA 7 -15.25 -1.83 -12.72
CB DAR CA 7 -16.65 -1.27 -12.91
CG DAR CA 7 -17.02 -0.97 -14.35
CD DAR CA 7 -18.40 -0.35 -14.43
NE DAR CA 7 -18.50 0.85 -13.61
CZ DAR CA 7 -18.10 2.05 -14.01
NH1 DAR CA 7 -17.56 2.25 -15.20
NH2 DAR CA 7 -18.24 3.08 -13.18
C DAR CA 7 -14.97 -2.90 -13.76
O DAR CA 7 -15.52 -4.00 -13.70
OXT DAR CA 7 -14.19 -2.69 -14.69
N DTH DA 1 -20.85 9.13 13.91
CA DTH DA 1 -19.47 8.77 13.67
CB DTH DA 1 -19.24 8.31 12.22
CG2 DTH DA 1 -19.62 9.41 11.25
OG1 DTH DA 1 -20.03 7.15 11.96
C DTH DA 1 -19.03 7.64 14.60
O DTH DA 1 -19.75 6.65 14.77
N DLE DA 2 -17.85 7.80 15.19
CA DLE DA 2 -17.27 6.79 16.06
CB DLE DA 2 -17.19 7.27 17.50
CG DLE DA 2 -16.42 6.29 18.37
CD1 DLE DA 2 -17.25 5.05 18.53
CD2 DLE DA 2 -16.08 6.92 19.70
C DLE DA 2 -15.89 6.44 15.54
O DLE DA 2 -15.04 7.32 15.39
N DLY DA 3 -15.66 5.15 15.26
CA DLY DA 3 -14.37 4.69 14.76
C DLY DA 3 -13.87 3.54 15.61
O DLY DA 3 -14.58 2.56 15.82
CB DLY DA 3 -14.49 4.24 13.30
CG DLY DA 3 -13.30 3.45 12.83
CD DLY DA 3 -13.45 3.08 11.37
CE DLY DA 3 -12.28 2.25 10.90
NZ DLY DA 3 -12.34 1.97 9.44
N DIL DA 4 -12.64 3.66 16.11
CA DIL DA 4 -12.00 2.62 16.90
C DIL DA 4 -10.68 2.25 16.26
O DIL DA 4 -9.82 3.12 16.04
CB DIL DA 4 -11.75 3.10 18.35
CG1 DIL DA 4 -12.96 3.83 18.89
CG2 DIL DA 4 -11.39 1.91 19.23
CD1 DIL DA 4 -14.15 2.96 19.05
N DVA DA 5 -10.49 0.96 15.97
CA DVA DA 5 -9.21 0.45 15.51
CB DVA DA 5 -9.26 0.00 14.03
CG1 DVA DA 5 -9.31 1.20 13.12
CG2 DVA DA 5 -10.46 -0.88 13.79
C DVA DA 5 -8.77 -0.70 16.41
O DVA DA 5 -9.53 -1.64 16.62
N DTR DA 6 -7.56 -0.60 16.94
CA DTR DA 6 -6.93 -1.67 17.70
CB DTR DA 6 -6.63 -1.21 19.12
CG DTR DA 6 -5.52 -1.97 19.77
CD1 DTR DA 6 -4.21 -1.58 19.85
NE1 DTR DA 6 -3.48 -2.54 20.52
CE2 DTR DA 6 -4.32 -3.55 20.89
CZ2 DTR DA 6 -4.05 -4.72 21.59
CH2 DTR DA 6 -5.11 -5.57 21.82
CZ3 DTR DA 6 -6.39 -5.27 21.38
CE3 DTR DA 6 -6.66 -4.10 20.69
CD2 DTR DA 6 -5.61 -3.22 20.43
C DTR DA 6 -5.66 -2.07 16.99
O DTR DA 6 -4.79 -1.23 16.72
N DAR DA 7 -5.54 -3.35 16.66
CA DAR DA 7 -4.40 -3.85 15.89
CB DAR DA 7 -4.86 -4.26 14.49
CG DAR DA 7 -5.09 -3.10 13.54
CD DAR DA 7 -5.44 -3.62 12.15
NE DAR DA 7 -4.61 -4.76 11.78
CZ DAR DA 7 -3.39 -4.66 11.28
NH1 DAR DA 7 -2.82 -3.49 11.06
NH2 DAR DA 7 -2.72 -5.77 10.98
C DAR DA 7 -3.69 -5.01 16.55
O DAR DA 7 -4.30 -6.04 16.84
OXT DAR DA 7 -2.49 -4.96 16.80
N DTH EA 1 -5.42 0.93 28.19
CA DTH EA 1 -5.69 2.33 27.87
CB DTH EA 1 -5.64 3.21 29.13
CG2 DTH EA 1 -4.45 2.83 29.98
OG1 DTH EA 1 -6.85 3.04 29.88
C DTH EA 1 -7.05 2.47 27.23
O DTH EA 1 -7.91 1.62 27.38
N DLE EA 2 -7.23 3.57 26.49
CA DLE EA 2 -8.52 3.90 25.89
CB DLE EA 2 -8.45 3.86 24.36
CG DLE EA 2 -9.68 4.39 23.62
CD1 DLE EA 2 -9.97 3.52 22.42
CD2 DLE EA 2 -9.48 5.83 23.19
C DLE EA 2 -8.93 5.28 26.37
O DLE EA 2 -8.16 6.23 26.26
N DLY EA 3 -10.14 5.37 26.92
CA DLY EA 3 -10.69 6.64 27.35
C DLY EA 3 -12.04 6.84 26.70
O DLY EA 3 -12.92 5.98 26.81
CB DLY EA 3 -10.83 6.69 28.87
CG DLY EA 3 -11.67 7.84 29.36
CD DLY EA 3 -11.72 7.88 30.87
CE DLY EA 3 -12.48 9.07 31.37
NZ DLY EA 3 -12.43 9.16 32.85
N DIL EA 4 -12.23 8.00 26.07
CA DIL EA 4 -13.51 8.37 25.49
C DIL EA 4 -13.83 9.79 25.92
O DIL EA 4 -13.00 10.69 25.80
CB DIL EA 4 -13.47 8.27 23.95
CG1 DIL EA 4 -14.37 9.34 23.32
CG2 DIL EA 4 -12.06 8.43 23.46
CD1 DIL EA 4 -14.24 9.42 21.83
N DVA EA 5 -15.06 10.00 26.39
CA DVA EA 5 -15.57 11.33 26.66
CB DVA EA 5 -15.68 11.61 28.18
CG1 DVA EA 5 -14.31 11.60 28.81
CG2 DVA EA 5 -16.58 10.60 28.84
C DVA EA 5 -16.92 11.50 25.98
O DVA EA 5 -17.77 10.61 26.06
N DTR EA 6 -17.11 12.63 25.32
CA DTR EA 6 -18.40 13.02 24.79
CB DTR EA 6 -18.37 13.20 23.28
CG DTR EA 6 -19.54 13.99 22.81
CD1 DTR EA 6 -20.85 13.64 22.86
NE1 DTR EA 6 -21.63 14.63 22.33
CE2 DTR EA 6 -20.83 15.65 21.92
CZ2 DTR EA 6 -21.16 16.86 21.32
CH2 DTR EA 6 -20.13 17.71 21.01
CZ3 DTR EA 6 -18.80 17.38 21.27
CE3 DTR EA 6 -18.47 16.18 21.88
CD2 DTR EA 6 -19.50 15.29 22.21
C DTR EA 6 -18.83 14.33 25.45
O DTR EA 6 -18.08 15.31 25.42
N DAR EA 7 -20.05 14.35 25.97
CA DAR EA 7 -20.47 15.46 26.80
CB DAR EA 7 -20.37 15.05 28.27
CG DAR EA 7 -20.31 16.21 29.24
CD DAR EA 7 -19.47 15.84 30.44
NE DAR EA 7 -19.34 16.96 31.37
CZ DAR EA 7 -18.48 16.98 32.38
NH1 DAR EA 7 -18.46 18.05 33.18
NH2 DAR EA 7 -17.63 15.99 32.60
C DAR EA 7 -21.90 15.92 26.48
O DAR EA 7 -22.87 15.31 26.91
OXT DAR EA 7 -22.10 16.91 25.78
N DTH FA 1 3.21 -13.53 -7.33
CA DTH FA 1 3.24 -12.79 -8.59
CB DTH FA 1 2.25 -11.62 -8.59
CG2 DTH FA 1 2.40 -10.81 -7.33
OG1 DTH FA 1 0.91 -12.11 -8.67
C DTH FA 1 2.88 -13.69 -9.76
O DTH FA 1 2.23 -14.72 -9.58
N DLE FA 2 3.28 -13.29 -10.95
CA DLE FA 2 2.88 -13.97 -12.17
CB DLE FA 2 4.07 -14.58 -12.90
CG DLE FA 2 3.71 -15.27 -14.20
CD1 DLE FA 2 2.99 -16.58 -13.92
CD2 DLE FA 2 4.94 -15.51 -15.06
C DLE FA 2 2.18 -12.97 -13.08
O DLE FA 2 2.75 -11.92 -13.39
N DLY FA 3 0.97 -13.30 -13.51
CA DLY FA 3 0.25 -12.51 -14.50
C DLY FA 3 -0.07 -13.38 -15.70
O DLY FA 3 -0.69 -14.44 -15.55
CB DLY FA 3 -1.04 -11.93 -13.93
CG DLY FA 3 -1.96 -11.39 -15.00
CD DLY FA 3 -3.17 -10.69 -14.41
CE DLY FA 3 -4.02 -10.08 -15.51
NZ DLY FA 3 -5.11 -9.25 -14.96
N DIL FA 4 0.36 -12.94 -16.87
CA DIL FA 4 0.11 -13.64 -18.12
C DIL FA 4 -0.61 -12.68 -19.05
O DIL FA 4 -0.09 -11.60 -19.36
CB DIL FA 4 1.41 -14.12 -18.78
CG1 DIL FA 4 2.27 -14.87 -17.76
CG2 DIL FA 4 1.12 -14.98 -19.99
CD1 DIL FA 4 1.58 -16.05 -17.18
N DVA FA 5 -1.79 -13.08 -19.51
CA DVA FA 5 -2.51 -12.30 -20.50
CB DVA FA 5 -3.78 -11.65 -19.92
CG1 DVA FA 5 -4.44 -12.57 -18.93
CG2 DVA FA 5 -4.73 -11.27 -21.02
C DVA FA 5 -2.88 -13.24 -21.65
O DVA FA 5 -3.47 -14.29 -21.43
N DTR FA 6 -2.49 -12.86 -22.86
CA DTR FA 6 -2.83 -13.62 -24.06
CB DTR FA 6 -1.61 -14.26 -24.70
CG DTR FA 6 -1.92 -14.85 -26.04
CD1 DTR FA 6 -2.60 -16.01 -26.30
NE1 DTR FA 6 -2.69 -16.22 -27.65
CE2 DTR FA 6 -2.07 -15.19 -28.30
CZ2 DTR FA 6 -1.91 -14.96 -29.66
CH2 DTR FA 6 -1.24 -13.83 -30.03
CZ3 DTR FA 6 -0.72 -12.93 -29.09
CE3 DTR FA 6 -0.89 -13.16 -27.74
CD2 DTR FA 6 -1.57 -14.31 -27.32
C DTR FA 6 -3.49 -12.70 -25.06
O DTR FA 6 -2.97 -11.62 -25.36
N DAR FA 7 -4.62 -13.14 -25.60
CA DAR FA 7 -5.20 -12.50 -26.76
CB DAR FA 7 -6.71 -12.61 -26.75
CG DAR FA 7 -7.31 -12.45 -25.38
CD DAR FA 7 -7.15 -11.04 -24.89
NE DAR FA 7 -8.46 -10.48 -24.56
CZ DAR FA 7 -8.65 -9.30 -24.00
NH1 DAR FA 7 -7.63 -8.51 -23.68
NH2 DAR FA 7 -9.88 -8.90 -23.73
C DAR FA 7 -4.63 -13.17 -28.00
O DAR FA 7 -4.90 -14.34 -28.23
OXT DAR FA 7 -3.90 -12.56 -28.78
N DTH GA 1 3.56 -22.90 -27.92
CA DTH GA 1 4.44 -21.99 -27.19
CB DTH GA 1 5.92 -22.26 -27.47
CG2 DTH GA 1 6.14 -22.50 -28.95
OG1 DTH GA 1 6.33 -23.42 -26.74
C DTH GA 1 4.21 -22.10 -25.70
O DTH GA 1 3.66 -23.09 -25.21
N DLE GA 2 4.66 -21.10 -24.97
CA DLE GA 2 4.59 -21.07 -23.51
CB DLE GA 2 3.85 -19.84 -23.02
CG DLE GA 2 2.37 -20.03 -22.76
CD1 DLE GA 2 2.18 -21.24 -21.87
CD2 DLE GA 2 1.64 -20.19 -24.07
C DLE GA 2 6.00 -21.09 -22.94
O DLE GA 2 6.75 -20.14 -23.13
N DLY GA 3 6.32 -22.14 -22.20
CA DLY GA 3 7.55 -22.18 -21.44
C DLY GA 3 7.21 -22.26 -19.96
O DLY GA 3 6.61 -23.24 -19.51
CB DLY GA 3 8.41 -23.37 -21.86
CG DLY GA 3 9.77 -23.39 -21.19
CD DLY GA 3 10.57 -24.61 -21.60
CE DLY GA 3 11.92 -24.61 -20.92
NZ DLY GA 3 11.80 -24.57 -19.44
N DIL GA 4 7.61 -21.23 -19.22
CA DIL GA 4 7.38 -21.17 -17.78
C DIL GA 4 8.73 -21.02 -17.11
O DIL GA 4 9.44 -20.03 -17.37
CB DIL GA 4 6.45 -20.02 -17.38
CG1 DIL GA 4 5.01 -20.32 -17.78
CG2 DIL GA 4 6.55 -19.75 -15.90
CD1 DIL GA 4 4.68 -19.98 -19.22
N DVA GA 5 9.09 -21.96 -16.25
CA DVA GA 5 10.32 -21.88 -15.48
CB DVA GA 5 11.37 -22.90 -15.98
CG1 DVA GA 5 10.71 -24.22 -16.29
CG2 DVA GA 5 12.45 -23.09 -14.94
C DVA GA 5 10.00 -22.11 -14.02
O DVA GA 5 9.37 -23.13 -13.67
N DTR GA 6 10.42 -21.20 -13.17
CA DTR GA 6 10.32 -21.34 -11.73
CB DTR GA 6 9.35 -20.32 -11.12
CG DTR GA 6 9.30 -20.41 -9.65
CD1 DTR GA 6 8.62 -21.32 -8.91
NE1 DTR GA 6 8.83 -21.09 -7.56
CE2 DTR GA 6 9.65 -20.01 -7.43
CZ2 DTR GA 6 10.14 -19.39 -6.28
CH2 DTR GA 6 10.96 -18.32 -6.44
CZ3 DTR GA 6 11.29 -17.84 -7.72
CE3 DTR GA 6 10.81 -18.44 -8.86
CD2 DTR GA 6 9.97 -19.56 -8.73
C DTR GA 6 11.70 -21.18 -11.12
O DTR GA 6 12.39 -20.20 -11.41
N DAR GA 7 12.09 -22.13 -10.28
CA DAR GA 7 13.44 -22.13 -9.75
CB DAR GA 7 14.37 -22.85 -10.72
CG DAR GA 7 14.18 -24.34 -10.76
CD DAR GA 7 14.65 -24.93 -12.07
NE DAR GA 7 15.92 -24.32 -12.50
CZ DAR GA 7 16.46 -24.51 -13.69
NH1 DAR GA 7 17.59 -23.89 -13.98
NH2 DAR GA 7 15.88 -25.28 -14.61
C DAR GA 7 13.51 -22.79 -8.39
O DAR GA 7 12.57 -23.44 -7.95
OXT DAR GA 7 14.52 -22.70 -7.69
N DTH HA 1 1.31 -3.88 23.81
CA DTH HA 1 2.75 -3.83 24.02
CB DTH HA 1 3.50 -3.77 22.69
CG2 DTH HA 1 2.75 -4.57 21.63
OG1 DTH HA 1 4.81 -4.33 22.87
C DTH HA 1 3.24 -5.03 24.82
O DTH HA 1 2.49 -5.95 25.10
N DLE HA 2 4.51 -4.97 25.23
CA DLE HA 2 5.11 -6.01 26.08
CB DLE HA 2 5.24 -5.54 27.52
CG DLE HA 2 5.96 -6.46 28.51
CD1 DLE HA 2 5.31 -6.35 29.88
CD2 DLE HA 2 7.43 -6.11 28.61
C DLE HA 2 6.45 -6.39 25.50
O DLE HA 2 7.29 -5.51 25.23
N DLY HA 3 6.68 -7.69 25.32
CA DLY HA 3 7.97 -8.20 24.89
C DLY HA 3 8.42 -9.26 25.88
O DLY HA 3 7.67 -10.17 26.22
CB DLY HA 3 7.89 -8.83 23.50
CG DLY HA 3 9.14 -9.61 23.15
CD DLY HA 3 8.97 -10.42 21.86
CE DLY HA 3 10.24 -11.17 21.54
NZ DLY HA 3 10.14 -11.99 20.30
N DIL HA 4 9.67 -9.13 26.34
CA DIL HA 4 10.29 -10.10 27.23
C DIL HA 4 11.61 -10.54 26.62
O DIL HA 4 12.45 -9.70 26.30
CB DIL HA 4 10.53 -9.52 28.64
CG1 DIL HA 4 9.20 -9.18 29.30
CG2 DIL HA 4 11.34 -10.48 29.47
CD1 DIL HA 4 9.36 -8.54 30.65
N DVA HA 5 11.78 -11.85 26.48
CA DVA HA 5 13.08 -12.42 26.12
CB DVA HA 5 13.06 -13.02 24.70
CG1 DVA HA 5 11.79 -13.81 24.49
CG2 DVA HA 5 14.26 -13.91 24.51
C DVA HA 5 13.44 -13.47 27.15
O DVA HA 5 12.61 -14.35 27.47
N DTR HA 6 14.64 -13.39 27.69
CA DTR HA 6 15.18 -14.42 28.57
CB DTR HA 6 15.43 -13.90 29.98
CG DTR HA 6 16.36 -14.80 30.74
CD1 DTR HA 6 16.18 -16.13 31.00
NE1 DTR HA 6 17.24 -16.62 31.73
CE2 DTR HA 6 18.12 -15.60 31.96
CZ2 DTR HA 6 19.33 -15.60 32.65
CH2 DTR HA 6 20.02 -14.42 32.72
CZ3 DTR HA 6 19.53 -13.26 32.13
CE3 DTR HA 6 18.33 -13.25 31.45
CD2 DTR HA 6 17.60 -14.44 31.36
C DTR HA 6 16.46 -14.96 27.98
O DTR HA 6 17.35 -14.18 27.60
N DAR HA 7 16.58 -16.27 27.91
CA DAR HA 7 17.73 -16.91 27.30
CB DAR HA 7 17.29 -17.74 26.10
CG DAR HA 7 18.24 -17.69 24.92
CD DAR HA 7 17.48 -17.55 23.62
NE DAR HA 7 18.33 -17.06 22.54
CZ DAR HA 7 17.90 -16.76 21.32
NH1 DAR HA 7 18.77 -16.32 20.43
NH2 DAR HA 7 16.63 -16.91 20.99
C DAR HA 7 18.47 -17.78 28.29
O DAR HA 7 17.97 -18.06 29.38
OXT DAR HA 7 19.59 -18.21 28.04
N DTH IA 1 17.86 -10.82 37.90
CA DTH IA 1 17.27 -9.52 38.13
CB DTH IA 1 17.13 -9.22 39.64
CG2 DTH IA 1 16.31 -7.96 39.86
OG1 DTH IA 1 18.43 -9.06 40.22
C DTH IA 1 15.89 -9.42 37.50
O DTH IA 1 15.01 -10.21 37.79
N DLE IA 2 15.71 -8.41 36.65
CA DLE IA 2 14.43 -8.15 36.02
CB DLE IA 2 14.45 -8.50 34.54
CG DLE IA 2 13.20 -8.17 33.74
CD1 DLE IA 2 12.92 -9.28 32.74
CD2 DLE IA 2 13.37 -6.86 33.01
C DLE IA 2 14.10 -6.68 36.22
O DLE IA 2 14.93 -5.80 35.94
N DLY IA 3 12.90 -6.40 36.72
CA DLY IA 3 12.44 -5.04 36.95
C DLY IA 3 11.12 -4.82 36.22
O DLY IA 3 10.16 -5.58 36.41
CB DLY IA 3 12.26 -4.76 38.43
CG DLY IA 3 11.48 -3.50 38.73
CD DLY IA 3 11.20 -3.38 40.22
CE DLY IA 3 10.42 -2.12 40.53
NZ DLY IA 3 10.01 -2.07 41.96
N DIL IA 4 11.05 -3.75 35.43
CA DIL IA 4 9.85 -3.34 34.73
C DIL IA 4 9.45 -1.96 35.22
O DIL IA 4 10.21 -1.00 35.03
CB DIL IA 4 10.06 -3.31 33.20
CG1 DIL IA 4 10.63 -4.64 32.72
CG2 DIL IA 4 8.76 -2.97 32.50
CD1 DIL IA 4 9.88 -5.84 33.20
N DVA IA 5 8.26 -1.85 35.78
CA DVA IA 5 7.71 -0.56 36.15
CB DVA IA 5 7.60 -0.40 37.68
CG1 DVA IA 5 7.19 -1.71 38.30
CG2 DVA IA 5 6.60 0.69 38.02
C DVA IA 5 6.35 -0.40 35.49
O DVA IA 5 5.46 -1.23 35.70
N DTR IA 6 6.19 0.65 34.69
CA DTR IA 6 4.92 0.98 34.06
CB DTR IA 6 4.97 0.82 32.55
CG DTR IA 6 3.79 1.44 31.86
CD1 DTR IA 6 2.53 0.93 31.77
NE1 DTR IA 6 1.72 1.79 31.07
CE2 DTR IA 6 2.45 2.88 30.68
CZ2 DTR IA 6 2.07 4.00 29.96
CH2 DTR IA 6 3.04 4.94 29.71
CZ3 DTR IA 6 4.35 4.79 30.18
CE3 DTR IA 6 4.72 3.68 30.91
CD2 DTR IA 6 3.76 2.69 31.17
C DTR IA 6 4.56 2.41 34.41
O DTR IA 6 5.36 3.32 34.21
N DAR IA 7 3.34 2.61 34.89
CA DAR IA 7 2.93 3.93 35.37
CB DAR IA 7 2.93 3.97 36.89
CG DAR IA 7 4.22 3.49 37.53
CD DAR IA 7 4.21 3.67 39.04
NE DAR IA 7 3.16 2.88 39.69
CZ DAR IA 7 1.98 3.37 40.06
NH1 DAR IA 7 1.67 4.65 39.87
NH2 DAR IA 7 1.10 2.57 40.64
C DAR IA 7 1.56 4.31 34.84
O DAR IA 7 0.79 3.45 34.38
OXT DAR IA 7 1.16 5.47 34.86
N DTH JA 1 -7.60 -4.19 -21.65
CA DTH JA 1 -8.29 -2.93 -21.47
CB DTH JA 1 -8.18 -2.42 -20.03
CG2 DTH JA 1 -6.91 -2.93 -19.37
OG1 DTH JA 1 -9.31 -2.87 -19.27
C DTH JA 1 -9.76 -3.07 -21.82
O DTH JA 1 -10.35 -4.14 -21.64
N DLE JA 2 -10.34 -1.99 -22.33
CA DLE JA 2 -11.76 -1.93 -22.64
CB DLE JA 2 -11.99 -1.91 -24.15
CG DLE JA 2 -13.40 -1.66 -24.65
CD1 DLE JA 2 -13.70 -2.57 -25.82
CD2 DLE JA 2 -13.54 -0.21 -25.08
C DLE JA 2 -12.34 -0.69 -21.98
O DLE JA 2 -11.77 0.39 -22.11
N DLY JA 3 -13.45 -0.85 -21.27
CA DLY JA 3 -14.11 0.26 -20.61
C DLY JA 3 -15.58 0.29 -21.02
O DLY JA 3 -16.27 -0.72 -20.92
CB DLY JA 3 -14.00 0.15 -19.09
CG DLY JA 3 -12.59 -0.14 -18.60
CD DLY JA 3 -12.56 -0.23 -17.09
CE DLY JA 3 -11.18 -0.62 -16.59
NZ DLY JA 3 -11.14 -0.61 -15.11
N DIL JA 4 -16.03 1.46 -21.48
CA DIL JA 4 -17.42 1.69 -21.83
C DIL JA 4 -17.94 2.88 -21.05
O DIL JA 4 -17.36 3.97 -21.14
CB DIL JA 4 -17.60 1.95 -23.34
CG1 DIL JA 4 -16.72 1.03 -24.16
CG2 DIL JA 4 -19.05 1.83 -23.72
CD1 DIL JA 4 -17.11 -0.41 -24.06
N DVA JA 5 -19.04 2.70 -20.34
CA DVA JA 5 -19.78 3.81 -19.75
CB DVA JA 5 -19.72 3.80 -18.22
CG1 DVA JA 5 -20.00 2.42 -17.68
CG2 DVA JA 5 -20.71 4.78 -17.65
C DVA JA 5 -21.22 3.74 -20.24
O DVA JA 5 -21.86 2.70 -20.15
N DTR JA 6 -21.71 4.85 -20.79
CA DTR JA 6 -23.10 4.97 -21.19
CB DTR JA 6 -23.24 5.09 -22.72
CG DTR JA 6 -24.63 5.49 -23.13
CD1 DTR JA 6 -25.73 4.68 -23.18
NE1 DTR JA 6 -26.82 5.40 -23.61
CE2 DTR JA 6 -26.44 6.69 -23.85
CZ2 DTR JA 6 -27.18 7.77 -24.30
CH2 DTR JA 6 -26.53 8.96 -24.45
CZ3 DTR JA 6 -25.16 9.09 -24.18
CE3 DTR JA 6 -24.42 8.02 -23.74
CD2 DTR JA 6 -25.06 6.78 -23.56
C DTR JA 6 -23.71 6.20 -20.54
O DTR JA 6 -23.15 7.28 -20.59
N DAR JA 7 -24.90 6.01 -19.98
CA DAR JA 7 -25.63 7.12 -19.37
CB DAR JA 7 -25.86 6.88 -17.89
CG DAR JA 7 -24.62 6.55 -17.09
CD DAR JA 7 -24.97 6.43 -15.62
NE DAR JA 7 -23.94 5.73 -14.85
CZ DAR JA 7 -22.94 6.33 -14.23
NH1 DAR JA 7 -22.77 7.64 -14.28
NH2 DAR JA 7 -22.07 5.59 -13.54
C DAR JA 7 -26.95 7.30 -20.09
O DAR JA 7 -27.49 6.34 -20.64
OXT DAR JA 7 -27.50 8.39 -20.14
N DTH KA 1 -28.14 4.09 -18.89
CA DTH KA 1 -27.91 2.69 -19.22
CB DTH KA 1 -27.97 1.81 -17.97
CG2 DTH KA 1 -26.88 2.19 -17.01
OG1 DTH KA 1 -27.80 0.44 -18.35
C DTH KA 1 -26.55 2.51 -19.87
O DTH KA 1 -25.81 3.46 -20.05
N DLE KA 2 -26.25 1.28 -20.26
CA DLE KA 2 -24.99 0.96 -20.94
CB DLE KA 2 -25.24 0.57 -22.40
CG DLE KA 2 -23.99 -0.04 -23.04
CD1 DLE KA 2 -22.93 1.02 -23.20
CD2 DLE KA 2 -24.33 -0.69 -24.36
C DLE KA 2 -24.29 -0.17 -20.20
O DLE KA 2 -24.86 -1.25 -20.07
N DLY KA 3 -23.06 0.08 -19.78
CA DLY KA 3 -22.21 -0.96 -19.21
C DLY KA 3 -20.96 -1.07 -20.06
O DLY KA 3 -20.25 -0.07 -20.26
CB DLY KA 3 -21.85 -0.63 -17.76
CG DLY KA 3 -23.03 -0.31 -16.87
CD DLY KA 3 -22.59 -0.06 -15.44
CE DLY KA 3 -23.76 0.24 -14.54
NZ DLY KA 3 -24.44 1.50 -14.94
N DIL KA 4 -20.69 -2.26 -20.56
CA DIL KA 4 -19.53 -2.53 -21.40
C DIL KA 4 -18.75 -3.67 -20.77
O DIL KA 4 -19.29 -4.77 -20.59
CB DIL KA 4 -19.93 -2.89 -22.84
CG1 DIL KA 4 -20.42 -1.65 -23.57
CG2 DIL KA 4 -18.76 -3.53 -23.55
CD1 DIL KA 4 -20.90 -1.93 -24.96
N DVA KA 5 -17.48 -3.43 -20.48
CA DVA KA 5 -16.58 -4.45 -19.97
CB DVA KA 5 -16.24 -4.23 -18.49
CG1 DVA KA 5 -16.03 -2.76 -18.22
CG2 DVA KA 5 -15.00 -5.01 -18.13
C DVA KA 5 -15.33 -4.44 -20.81
O DVA KA 5 -14.71 -3.39 -21.00
N DTR KA 6 -14.96 -5.61 -21.33
CA DTR KA 6 -13.74 -5.76 -22.11
CB DTR KA 6 -14.05 -6.10 -23.56
CG DTR KA 6 -12.84 -6.29 -24.40
CD1 DTR KA 6 -11.85 -5.39 -24.62
NE1 DTR KA 6 -10.90 -5.91 -25.45
CE2 DTR KA 6 -11.27 -7.18 -25.80
CZ2 DTR KA 6 -10.64 -8.11 -26.62
CH2 DTR KA 6 -11.26 -9.32 -26.79
CZ3 DTR KA 6 -12.48 -9.61 -26.16
CE3 DTR KA 6 -13.09 -8.69 -25.35
CD2 DTR KA 6 -12.49 -7.45 -25.16
C DTR KA 6 -12.90 -6.87 -21.47
O DTR KA 6 -13.41 -7.96 -21.24
N DAR KA 7 -11.65 -6.56 -21.20
CA DAR KA 7 -10.79 -7.50 -20.49
CB DAR KA 7 -10.68 -7.09 -19.02
CG DAR KA 7 -9.79 -8.00 -18.19
CD DAR KA 7 -9.65 -7.49 -16.78
NE DAR KA 7 -10.93 -7.44 -16.07
CZ DAR KA 7 -11.64 -6.36 -15.89
NH1 DAR KA 7 -11.23 -5.18 -16.34
NH2 DAR KA 7 -12.80 -6.43 -15.24
C DAR KA 7 -9.41 -7.57 -21.11
O DAR KA 7 -8.79 -8.63 -21.16
OXT DAR KA 7 -8.88 -6.58 -21.60
N DTH LA 1 -29.45 -1.80 -30.81
CA DTH LA 1 -28.07 -1.74 -31.28
CB DTH LA 1 -27.99 -1.73 -32.82
CG2 DTH LA 1 -28.80 -2.89 -33.40
OG1 DTH LA 1 -26.63 -1.87 -33.21
C DTH LA 1 -27.25 -2.90 -30.77
O DTH LA 1 -27.75 -4.02 -30.64
N DLE LA 2 -25.98 -2.63 -30.48
CA DLE LA 2 -25.05 -3.66 -30.03
CB DLE LA 2 -24.70 -3.48 -28.56
CG DLE LA 2 -23.49 -4.23 -28.03
CD1 DLE LA 2 -23.78 -4.80 -26.65
CD2 DLE LA 2 -22.30 -3.31 -27.96
C DLE LA 2 -23.80 -3.58 -30.89
O DLE LA 2 -23.21 -2.51 -31.04
N DLY LA 3 -23.40 -4.72 -31.45
CA DLY LA 3 -22.20 -4.83 -32.25
C DLY LA 3 -21.28 -5.86 -31.61
O DLY LA 3 -21.68 -7.01 -31.40
CB DLY LA 3 -22.52 -5.22 -33.68
CG DLY LA 3 -21.30 -5.61 -34.49
CD DLY LA 3 -21.69 -6.27 -35.80
CE DLY LA 3 -20.48 -6.78 -36.56
NZ DLY LA 3 -20.85 -7.56 -37.77
N DIL LA 4 -20.06 -5.45 -31.30
CA DIL LA 4 -19.03 -6.33 -30.75
C DIL LA 4 -17.90 -6.40 -31.75
O DIL LA 4 -17.24 -5.39 -32.02
CB DIL LA 4 -18.51 -5.83 -29.40
CG1 DIL LA 4 -19.66 -5.52 -28.46
CG2 DIL LA 4 -17.58 -6.86 -28.78
CD1 DIL LA 4 -20.60 -6.66 -28.26
N DVA LA 5 -17.63 -7.59 -32.28
CA DVA LA 5 -16.49 -7.80 -33.15
CB DVA LA 5 -16.92 -8.13 -34.58
CG1 DVA LA 5 -18.19 -8.96 -34.58
CG2 DVA LA 5 -15.81 -8.89 -35.30
C DVA LA 5 -15.65 -8.92 -32.57
O DVA LA 5 -16.14 -10.04 -32.36
N DTR LA 6 -14.38 -8.63 -32.30
CA DTR LA 6 -13.43 -9.63 -31.83
CB DTR LA 6 -12.93 -9.31 -30.42
CG DTR LA 6 -11.96 -10.34 -29.92
CD1 DTR LA 6 -12.26 -11.42 -29.14
NE1 DTR LA 6 -11.12 -12.14 -28.89
CE2 DTR LA 6 -10.06 -11.55 -29.52
CZ2 DTR LA 6 -8.72 -11.91 -29.55
CH2 DTR LA 6 -7.87 -11.11 -30.27
CZ3 DTR LA 6 -8.33 -9.97 -30.93
CE3 DTR LA 6 -9.66 -9.61 -30.89
CD2 DTR LA 6 -10.56 -10.41 -30.18
C DTR LA 6 -12.26 -9.67 -32.80
O DTR LA 6 -11.63 -8.64 -33.06
N DAR LA 7 -11.94 -10.86 -33.28
CA DAR LA 7 -10.78 -11.03 -34.14
CB DAR LA 7 -11.20 -11.52 -35.52
CG DAR LA 7 -10.11 -12.27 -36.28
CD DAR LA 7 -10.47 -12.46 -37.74
NE DAR LA 7 -10.11 -11.31 -38.55
CZ DAR LA 7 -10.37 -11.20 -39.85
NH1 DAR LA 7 -9.98 -10.10 -40.49
NH2 DAR LA 7 -11.02 -12.13 -40.52
C DAR LA 7 -9.82 -12.01 -33.48
O DAR LA 7 -10.24 -13.02 -32.93
OXT DAR LA 7 -8.60 -11.81 -33.49
N DTH MA 1 7.78 2.02 -3.81
CA DTH MA 1 7.82 0.71 -3.17
CB DTH MA 1 6.69 0.52 -2.18
CG2 DTH MA 1 5.41 1.07 -2.77
OG1 DTH MA 1 7.00 1.25 -0.99
C DTH MA 1 9.15 0.51 -2.45
O DTH MA 1 10.04 1.35 -2.54
N DLE MA 2 9.28 -0.62 -1.77
CA DLE MA 2 10.48 -0.94 -1.02
CB DLE MA 2 11.13 -2.23 -1.51
CG DLE MA 2 12.63 -2.46 -1.27
CD1 DLE MA 2 13.00 -3.87 -1.68
CD2 DLE MA 2 13.06 -2.21 0.16
C DLE MA 2 10.10 -1.07 0.45
O DLE MA 2 9.38 -2.01 0.82
N DLY MA 3 10.58 -0.14 1.27
CA DLY MA 3 10.38 -0.20 2.70
C DLY MA 3 11.74 -0.17 3.38
O DLY MA 3 12.52 0.76 3.17
CB DLY MA 3 9.53 0.97 3.18
CG DLY MA 3 9.54 1.16 4.68
CD DLY MA 3 8.54 2.24 5.08
CE DLY MA 3 8.44 2.36 6.58
NZ DLY MA 3 7.34 3.28 6.99
N DIL MA 4 12.00 -1.18 4.21
CA DIL MA 4 13.21 -1.23 5.03
C DIL MA 4 12.79 -1.34 6.48
O DIL MA 4 12.05 -2.27 6.84
CB DIL MA 4 14.12 -2.40 4.63
CG1 DIL MA 4 14.85 -2.08 3.34
CG2 DIL MA 4 15.11 -2.67 5.74
CD1 DIL MA 4 15.86 -3.13 2.95
N DVA MA 5 13.25 -0.42 7.31
CA DVA MA 5 13.05 -0.48 8.75
CB DVA MA 5 12.19 0.69 9.26
CG1 DVA MA 5 12.23 0.74 10.76
CG2 DVA MA 5 10.77 0.54 8.78
C DVA MA 5 14.41 -0.49 9.41
O DVA MA 5 15.22 0.43 9.17
N DTR MA 6 14.69 -1.51 10.22
CA DTR MA 6 15.90 -1.57 11.02
CB DTR MA 6 16.73 -2.79 10.67
CG DTR MA 6 17.94 -2.93 11.52
CD1 DTR MA 6 18.92 -2.01 11.71
NE1 DTR MA 6 19.89 -2.50 12.57
CE2 DTR MA 6 19.53 -3.76 12.94
CZ2 DTR MA 6 20.18 -4.66 13.78
CH2 DTR MA 6 19.58 -5.88 13.97
CZ3 DTR MA 6 18.38 -6.21 13.36
CE3 DTR MA 6 17.73 -5.32 12.53
CD2 DTR MA 6 18.32 -4.07 12.30
C DTR MA 6 15.50 -1.58 12.48
O DTR MA 6 14.75 -2.45 12.91
N DAR MA 7 16.01 -0.61 13.23
CA DAR MA 7 15.56 -0.40 14.60
CB DAR MA 7 14.45 0.65 14.64
CG DAR MA 7 14.09 1.11 16.04
CD DAR MA 7 13.01 0.24 16.65
NE DAR MA 7 12.72 0.61 18.03
CZ DAR MA 7 11.73 0.09 18.75
NH1 DAR MA 7 11.58 0.48 20.02
NH2 DAR MA 7 10.90 -0.81 18.25
C DAR MA 7 16.72 0.03 15.47
O DAR MA 7 17.17 -0.73 16.34
OXT DAR MA 7 17.26 1.12 15.33
N DTH NA 1 28.93 -6.75 12.96
CA DTH NA 1 28.07 -7.39 11.99
CB DTH NA 1 28.81 -8.46 11.19
CG2 DTH NA 1 30.13 -7.91 10.67
OG1 DTH NA 1 28.01 -8.87 10.07
C DTH NA 1 27.46 -6.39 11.02
O DTH NA 1 28.11 -5.45 10.61
N DLE NA 2 26.19 -6.60 10.69
CA DLE NA 2 25.48 -5.78 9.73
CB DLE NA 2 24.30 -5.06 10.37
CG DLE NA 2 23.24 -4.53 9.40
CD1 DLE NA 2 23.84 -3.52 8.45
CD2 DLE NA 2 22.08 -3.91 10.17
C DLE NA 2 25.01 -6.67 8.59
O DLE NA 2 24.26 -7.64 8.83
N DLY NA 3 25.44 -6.38 7.38
CA DLY NA 3 25.01 -7.11 6.20
C DLY NA 3 24.54 -6.12 5.16
O DLY NA 3 25.26 -5.17 4.82
CB DLY NA 3 26.14 -7.96 5.63
CG DLY NA 3 25.88 -8.40 4.20
CD DLY NA 3 27.05 -9.16 3.63
CE DLY NA 3 26.81 -9.53 2.19
NZ DLY NA 3 27.99 -10.19 1.57
N DIL NA 4 23.32 -6.32 4.66
CA DIL NA 4 22.77 -5.50 3.59
C DIL NA 4 22.13 -6.41 2.56
O DIL NA 4 21.43 -7.36 2.93
CB DIL NA 4 21.75 -4.47 4.12
CG1 DIL NA 4 20.65 -4.24 3.10
CG2 DIL NA 4 21.18 -4.95 5.44
CD1 DIL NA 4 19.60 -3.27 3.57
N DVA NA 5 22.42 -6.17 1.28
CA DVA NA 5 21.76 -6.85 0.18
CB DVA NA 5 22.72 -7.80 -0.56
CG1 DVA NA 5 24.13 -7.25 -0.52
CG2 DVA NA 5 22.28 -7.99 -2.00
C DVA NA 5 21.21 -5.80 -0.77
O DVA NA 5 21.91 -4.83 -1.11
N DTR NA 6 19.94 -5.95 -1.16
CA DTR NA 6 19.31 -5.08 -2.15
CB DTR NA 6 18.23 -4.19 -1.52
CG DTR NA 6 17.22 -3.71 -2.52
CD1 DTR NA 6 16.07 -4.33 -2.91
NE1 DTR NA 6 15.41 -3.58 -3.84
CE2 DTR NA 6 16.12 -2.44 -4.08
CZ2 DTR NA 6 15.84 -1.37 -4.93
CH2 DTR NA 6 16.74 -0.34 -4.95
CZ3 DTR NA 6 17.89 -0.35 -4.17
CE3 DTR NA 6 18.16 -1.41 -3.32
CD2 DTR NA 6 17.26 -2.47 -3.27
C DTR NA 6 18.71 -5.94 -3.24
O DTR NA 6 18.01 -6.91 -2.96
N DAR NA 7 18.96 -5.57 -4.49
CA DAR NA 7 18.38 -6.28 -5.61
CB DAR NA 7 19.24 -7.47 -6.00
CG DAR NA 7 20.70 -7.11 -6.22
CD DAR NA 7 21.48 -8.30 -6.74
NE DAR NA 7 20.90 -8.83 -7.96
CZ DAR NA 7 21.15 -8.35 -9.17
NH1 DAR NA 7 21.96 -7.32 -9.36
NH2 DAR NA 7 20.57 -8.92 -10.22
C DAR NA 7 18.20 -5.34 -6.79
O DAR NA 7 17.30 -5.51 -7.62
OXT DAR NA 7 18.96 -4.38 -6.95
N DTH OA 1 -0.63 12.05 6.12
CA DTH OA 1 -0.56 10.94 5.19
CB DTH OA 1 0.58 9.97 5.53
CG2 DTH OA 1 0.63 9.72 7.03
OG1 DTH OA 1 1.83 10.53 5.12
C DTH OA 1 -0.36 11.43 3.78
O DTH OA 1 0.37 12.40 3.55
N DLE OA 2 -1.00 10.79 2.81
CA DLE OA 2 -0.81 11.05 1.40
CB DLE OA 2 -2.05 11.69 0.78
CG DLE OA 2 -1.93 12.17 -0.68
CD1 DLE OA 2 -2.85 13.36 -0.88
CD2 DLE OA 2 -2.30 11.08 -1.67
C DLE OA 2 -0.49 9.75 0.72
O DLE OA 2 -1.21 8.76 0.88
N DLY OA 3 0.60 9.73 -0.06
CA DLY OA 3 0.94 8.57 -0.86
C DLY OA 3 1.38 9.05 -2.23
O DLY OA 3 2.09 10.05 -2.35
CB DLY OA 3 2.05 7.76 -0.20
CG DLY OA 3 3.12 8.59 0.43
CD DLY OA 3 4.06 7.75 1.26
CE DLY OA 3 3.36 7.23 2.51
NZ DLY OA 3 2.94 8.35 3.39
N DIL OA 4 0.89 8.38 -3.27
CA DIL OA 4 1.20 8.71 -4.66
C DIL OA 4 1.55 7.43 -5.38
O DIL OA 4 0.87 6.41 -5.21
CB DIL OA 4 0.01 9.42 -5.35
CG1 DIL OA 4 -0.04 9.05 -6.83
CG2 DIL OA 4 -1.28 9.05 -4.67
CD1 DIL OA 4 -1.23 9.61 -7.55
N DVA OA 5 2.60 7.48 -6.18
CA DVA OA 5 3.02 6.37 -7.02
CB DVA OA 5 4.39 5.81 -6.60
CG1 DVA OA 5 4.79 4.68 -7.52
CG2 DVA OA 5 4.33 5.35 -5.16
C DVA OA 5 3.06 6.85 -8.45
O DVA OA 5 3.72 7.85 -8.75
N DTR OA 6 2.34 6.17 -9.34
CA DTR OA 6 2.40 6.45 -10.77
CB DTR OA 6 1.10 7.03 -11.29
CG DTR OA 6 0.93 6.79 -12.76
CD1 DTR OA 6 0.20 5.80 -13.36
NE1 DTR OA 6 0.30 5.90 -14.72
CE2 DTR OA 6 1.10 6.96 -15.03
CZ2 DTR OA 6 1.49 7.46 -16.27
CH2 DTR OA 6 2.32 8.55 -16.29
CZ3 DTR OA 6 2.75 9.15 -15.10
CE3 DTR OA 6 2.37 8.66 -13.87
CD2 DTR OA 6 1.52 7.54 -13.83
C DTR OA 6 2.70 5.16 -11.50
O DTR OA 6 2.02 4.14 -11.28
N DAR OA 7 3.68 5.20 -12.39
CA DAR OA 7 4.02 4.02 -13.17
CB DAR OA 7 5.09 3.19 -12.45
CG DAR OA 7 6.47 3.79 -12.51
CD DAR OA 7 7.43 3.01 -11.65
NE DAR OA 7 7.26 3.32 -10.24
CZ DAR OA 7 7.91 2.70 -9.25
NH1 DAR OA 7 7.70 3.09 -7.99
NH2 DAR OA 7 8.76 1.72 -9.50
C DAR OA 7 4.52 4.43 -14.54
O DAR OA 7 4.42 3.67 -15.50
OXT DAR OA 7 5.03 5.53 -14.72
N DTH PA 1 -6.90 10.23 -15.35
CA DTH PA 1 -7.50 9.71 -14.13
CB DTH PA 1 -9.02 9.85 -14.13
CG2 DTH PA 1 -9.40 11.32 -14.19
OG1 DTH PA 1 -9.54 9.28 -12.92
C DTH PA 1 -6.97 10.41 -12.89
O DTH PA 1 -6.30 11.44 -12.99
N DLE PA 2 -7.25 9.83 -11.74
CA DLE PA 2 -6.87 10.40 -10.45
CB DLE PA 2 -5.88 9.52 -9.71
CG DLE PA 2 -5.72 9.95 -8.25
CD1 DLE PA 2 -5.11 11.32 -8.17
CD2 DLE PA 2 -4.90 8.95 -7.47
C DLE PA 2 -8.12 10.57 -9.62
O DLE PA 2 -8.87 9.62 -9.41
N DLY PA 3 -8.34 11.80 -9.16
CA DLY PA 3 -9.43 12.08 -8.26
C DLY PA 3 -8.88 12.80 -7.05
O DLY PA 3 -8.19 13.81 -7.19
CB DLY PA 3 -10.49 12.93 -8.94
CG DLY PA 3 -11.48 13.58 -8.00
CD DLY PA 3 -12.41 14.51 -8.74
CE DLY PA 3 -13.37 15.20 -7.81
NZ DLY PA 3 -14.20 16.19 -8.54
N DIL PA 4 -9.17 12.29 -5.85
CA DIL PA 4 -8.86 12.98 -4.61
C DIL PA 4 -10.12 13.02 -3.76
O DIL PA 4 -10.84 12.02 -3.64
CB DIL PA 4 -7.71 12.32 -3.83
CG1 DIL PA 4 -8.17 11.08 -3.07
CG2 DIL PA 4 -6.60 11.91 -4.77
CD1 DIL PA 4 -7.14 10.55 -2.12
N DVA PA 5 -10.41 14.19 -3.19
CA DVA PA 5 -11.50 14.34 -2.26
CB DVA PA 5 -12.64 15.19 -2.84
CG1 DVA PA 5 -13.38 14.39 -3.89
CG2 DVA PA 5 -12.11 16.46 -3.45
C DVA PA 5 -10.96 14.98 -0.99
O DVA PA 5 -10.23 15.98 -1.06
N DTR PA 6 -11.31 14.41 0.16
CA DTR PA 6 -10.99 14.99 1.45
CB DTR PA 6 -10.06 14.08 2.25
CG DTR PA 6 -9.77 14.59 3.63
CD1 DTR PA 6 -8.81 15.48 3.99
NE1 DTR PA 6 -8.86 15.70 5.35
CE2 DTR PA 6 -9.87 14.95 5.88
CZ2 DTR PA 6 -10.31 14.85 7.20
CH2 DTR PA 6 -11.34 14.00 7.45
CZ3 DTR PA 6 -11.96 13.27 6.43
CE3 DTR PA 6 -11.53 13.38 5.12
CD2 DTR PA 6 -10.47 14.24 4.83
C DTR PA 6 -12.26 15.23 2.23
O DTR PA 6 -13.07 14.31 2.41
N DAR PA 7 -12.41 16.44 2.75
CA DAR PA 7 -13.62 16.79 3.49
CB DAR PA 7 -14.74 17.17 2.53
CG DAR PA 7 -14.32 18.15 1.46
CD DAR PA 7 -15.51 18.66 0.69
NE DAR PA 7 -16.48 17.58 0.46
CZ DAR PA 7 -17.58 17.72 -0.25
NH1 DAR PA 7 -17.88 18.87 -0.85
NH2 DAR PA 7 -18.41 16.69 -0.37
C DAR PA 7 -13.37 17.93 4.47
O DAR PA 7 -14.16 18.17 5.37
OXT DAR PA 7 -12.36 18.63 4.37
N DTH QA 1 -8.64 23.91 12.47
CA DTH QA 1 -7.27 23.54 12.11
CB DTH QA 1 -7.15 23.16 10.63
CG2 DTH QA 1 -7.59 24.32 9.75
OG1 DTH QA 1 -7.99 22.03 10.36
C DTH QA 1 -6.80 22.36 12.94
O DTH QA 1 -7.52 21.39 13.11
N DLE QA 2 -5.57 22.47 13.46
CA DLE QA 2 -4.96 21.41 14.24
CB DLE QA 2 -4.76 21.82 15.68
CG DLE QA 2 -3.95 20.78 16.44
CD1 DLE QA 2 -4.78 19.54 16.61
CD2 DLE QA 2 -3.51 21.33 17.79
C DLE QA 2 -3.62 21.07 13.60
O DLE QA 2 -2.77 21.95 13.44
N DLY QA 3 -3.43 19.80 13.24
CA DLY QA 3 -2.20 19.35 12.63
C DLY QA 3 -1.65 18.15 13.39
O DLY QA 3 -2.36 17.16 13.58
CB DLY QA 3 -2.41 18.98 11.17
CG DLY QA 3 -1.28 18.19 10.56
CD DLY QA 3 -1.53 17.91 9.10
CE DLY QA 3 -0.41 17.08 8.50
NZ DLY QA 3 -0.58 16.89 7.04
N DIL QA 4 -0.38 18.22 13.79
CA DIL QA 4 0.30 17.13 14.49
C DIL QA 4 1.56 16.78 13.73
O DIL QA 4 2.41 17.64 13.51
CB DIL QA 4 0.66 17.53 15.93
CG1 DIL QA 4 -0.51 18.25 16.60
CG2 DIL QA 4 1.04 16.30 16.72
CD1 DIL QA 4 -1.70 17.40 16.80
N DVA QA 5 1.70 15.51 13.37
CA DVA QA 5 2.94 15.00 12.79
CB DVA QA 5 2.78 14.63 11.30
CG1 DVA QA 5 2.70 15.88 10.46
CG2 DVA QA 5 1.55 13.78 11.09
C DVA QA 5 3.42 13.81 13.59
O DVA QA 5 2.67 12.86 13.80
N DTR QA 6 4.67 13.86 14.04
CA DTR QA 6 5.33 12.74 14.70
CB DTR QA 6 5.74 13.12 16.13
CG DTR QA 6 6.88 12.32 16.65
CD1 DTR QA 6 8.20 12.68 16.65
NE1 DTR QA 6 8.95 11.69 17.23
CE2 DTR QA 6 8.13 10.66 17.60
CZ2 DTR QA 6 8.42 9.45 18.21
CH2 DTR QA 6 7.38 8.60 18.47
CZ3 DTR QA 6 6.07 8.94 18.14
CE3 DTR QA 6 5.77 10.15 17.54
CD2 DTR QA 6 6.81 11.03 17.25
C DTR QA 6 6.55 12.36 13.87
O DTR QA 6 7.41 13.20 13.60
N DAR QA 7 6.62 11.09 13.48
CA DAR QA 7 7.68 10.63 12.60
CB DAR QA 7 7.13 10.30 11.22
CG DAR QA 7 6.86 11.50 10.35
CD DAR QA 7 6.40 11.07 8.97
NE DAR QA 7 7.18 9.94 8.48
CZ DAR QA 7 8.37 10.05 7.89
NH1 DAR QA 7 8.93 11.23 7.70
NH2 DAR QA 7 9.00 8.95 7.50
C DAR QA 7 8.43 9.43 13.16
O DAR QA 7 7.83 8.39 13.43
OXT DAR QA 7 9.64 9.44 13.33
N DTH RA 1 5.78 6.71 13.72
CA DTH RA 1 4.34 6.89 13.73
CB DTH RA 1 3.74 6.72 12.34
CG2 DTH RA 1 4.50 7.58 11.33
OG1 DTH RA 1 2.37 7.13 12.35
C DTH RA 1 3.95 8.26 14.27
O DTH RA 1 4.67 9.24 14.11
N DLE RA 2 2.79 8.31 14.93
CA DLE RA 2 2.22 9.55 15.42
CB DLE RA 2 2.10 9.56 16.94
CG DLE RA 2 1.11 10.56 17.51
CD1 DLE RA 2 1.49 11.99 17.19
CD2 DLE RA 2 0.96 10.38 19.01
C DLE RA 2 0.85 9.70 14.79
O DLE RA 2 -0.01 8.82 14.92
N DLY RA 3 0.64 10.82 14.10
CA DLY RA 3 -0.65 11.15 13.52
C DLY RA 3 -1.05 12.53 13.99
O DLY RA 3 -0.28 13.48 13.84
CB DLY RA 3 -0.60 11.09 12.00
CG DLY RA 3 -1.71 11.84 11.30
CD DLY RA 3 -1.42 11.94 9.81
CE DLY RA 3 -2.43 12.82 9.10
NZ DLY RA 3 -3.77 12.20 9.04
N DIL RA 4 -2.24 12.64 14.56
CA DIL RA 4 -2.79 13.91 14.99
C DIL RA 4 -4.18 14.05 14.40
O DIL RA 4 -4.99 13.14 14.52
CB DIL RA 4 -2.84 14.04 16.53
CG1 DIL RA 4 -4.09 14.80 16.95
CG2 DIL RA 4 -2.80 12.67 17.16
CD1 DIL RA 4 -4.20 14.98 18.45
N DVA RA 5 -4.43 15.18 13.77
CA DVA RA 5 -5.74 15.49 13.20
CB DVA RA 5 -5.70 15.52 11.66
CG1 DVA RA 5 -6.97 16.14 11.12
CG2 DVA RA 5 -5.53 14.11 11.12
C DVA RA 5 -6.18 16.83 13.73
O DVA RA 5 -5.45 17.82 13.64
N DTR RA 6 -7.41 16.89 14.25
CA DTR RA 6 -8.04 18.14 14.63
CB DTR RA 6 -8.29 18.21 16.13
CG DTR RA 6 -8.98 19.46 16.52
CD1 DTR RA 6 -8.74 20.70 16.02
NE1 DTR RA 6 -9.58 21.62 16.61
CE2 DTR RA 6 -10.39 20.97 17.50
CZ2 DTR RA 6 -11.39 21.46 18.32
CH2 DTR RA 6 -12.05 20.56 19.11
CZ3 DTR RA 6 -11.72 19.21 19.10
CE3 DTR RA 6 -10.73 18.71 18.29
CD2 DTR RA 6 -10.04 19.60 17.46
C DTR RA 6 -9.35 18.28 13.88
O DTR RA 6 -10.20 17.39 13.93
N DAR RA 7 -9.51 19.40 13.20
CA DAR RA 7 -10.74 19.65 12.46
CB DAR RA 7 -10.46 19.70 10.97
CG DAR RA 7 -11.69 19.86 10.11
CD DAR RA 7 -11.33 19.73 8.65
NE DAR RA 7 -10.26 20.65 8.27
CZ DAR RA 7 -10.45 21.86 7.78
NH1 DAR RA 7 -9.40 22.62 7.49
NH2 DAR RA 7 -11.66 22.33 7.55
C DAR RA 7 -11.38 20.96 12.93
O DAR RA 7 -12.60 21.10 12.96
OXT DAR RA 7 -10.67 21.90 13.28
N DTH SA 1 -11.12 27.03 25.29
CA DTH SA 1 -10.74 25.66 25.54
CB DTH SA 1 -10.53 25.41 27.05
CG2 DTH SA 1 -11.60 26.11 27.85
OG1 DTH SA 1 -9.24 25.91 27.45
C DTH SA 1 -9.46 25.30 24.80
O DTH SA 1 -8.56 26.12 24.67
N DLE SA 2 -9.39 24.06 24.33
CA DLE SA 2 -8.21 23.55 23.64
CB DLE SA 2 -8.54 23.18 22.20
CG DLE SA 2 -7.46 23.37 21.13
CD1 DLE SA 2 -8.00 22.97 19.76
CD2 DLE SA 2 -6.22 22.59 21.45
C DLE SA 2 -7.70 22.34 24.40
O DLE SA 2 -8.45 21.36 24.58
N DLY SA 3 -6.45 22.38 24.82
CA DLY SA 3 -5.84 21.26 25.54
C DLY SA 3 -4.53 20.87 24.85
O DLY SA 3 -3.64 21.69 24.68
CB DLY SA 3 -5.57 21.64 26.99
CG DLY SA 3 -4.75 20.63 27.76
CD DLY SA 3 -4.58 21.07 29.19
CE DLY SA 3 -3.85 20.03 30.00
NZ DLY SA 3 -3.76 20.44 31.43
N DIL SA 4 -4.42 19.58 24.49
CA DIL SA 4 -3.22 19.03 23.88
C DIL SA 4 -2.81 17.79 24.65
O DIL SA 4 -3.60 16.86 24.81
CB DIL SA 4 -3.43 18.66 22.41
CG1 DIL SA 4 -4.13 19.79 21.66
CG2 DIL SA 4 -2.11 18.30 21.76
CD1 DIL SA 4 -4.76 19.33 20.38
N DVA SA 5 -1.54 17.73 25.05
CA DVA SA 5 -0.96 16.52 25.62
CB DVA SA 5 -0.69 16.68 27.13
CG1 DVA SA 5 -0.34 18.12 27.44
CG2 DVA SA 5 0.41 15.75 27.58
C DVA SA 5 0.34 16.20 24.88
O DVA SA 5 1.19 17.08 24.71
N DTR SA 6 0.50 14.95 24.46
CA DTR SA 6 1.73 14.45 23.89
CB DTR SA 6 1.55 13.97 22.44
CG DTR SA 6 2.56 12.96 21.99
CD1 DTR SA 6 2.48 11.59 22.12
NE1 DTR SA 6 3.60 11.00 21.59
CE2 DTR SA 6 4.43 11.97 21.10
CZ2 DTR SA 6 5.67 11.87 20.48
CH2 DTR SA 6 6.28 13.02 20.09
CZ3 DTR SA 6 5.69 14.26 20.31
CE3 DTR SA 6 4.47 14.39 20.93
CD2 DTR SA 6 3.81 13.21 21.33
C DTR SA 6 2.25 13.31 24.74
O DTR SA 6 1.52 12.34 25.00
N DAR SA 7 3.51 13.40 25.16
CA DAR SA 7 4.07 12.43 26.09
CB DAR SA 7 4.27 13.06 27.46
CG DAR SA 7 3.00 13.28 28.25
CD DAR SA 7 3.28 14.06 29.52
NE DAR SA 7 4.64 13.84 30.00
CZ DAR SA 7 5.02 12.79 30.73
NH1 DAR SA 7 6.29 12.69 31.12
NH2 DAR SA 7 4.17 11.83 31.05
C DAR SA 7 5.39 11.86 25.58
O DAR SA 7 5.66 10.68 25.75
OXT DAR SA 7 6.21 12.57 25.00
N DTH TA 1 1.64 0.23 -30.51
CA DTH TA 1 1.44 0.00 -29.08
CB DTH TA 1 0.43 0.98 -28.48
CG2 DTH TA 1 0.36 0.82 -26.96
OG1 DTH TA 1 -0.86 0.76 -29.05
C DTH TA 1 2.76 0.11 -28.33
O DTH TA 1 3.45 1.12 -28.46
N DLE TA 2 3.09 -0.90 -27.55
CA DLE TA 2 4.35 -0.94 -26.81
CB DLE TA 2 5.28 -2.01 -27.38
CG DLE TA 2 6.74 -2.02 -26.94
CD1 DLE TA 2 6.91 -2.90 -25.72
CD2 DLE TA 2 7.21 -0.62 -26.66
C DLE TA 2 4.05 -1.21 -25.34
O DLE TA 2 3.45 -2.24 -25.02
N DLY TA 3 4.48 -0.30 -24.47
CA DLY TA 3 4.35 -0.47 -23.03
C DLY TA 3 5.73 -0.36 -22.40
O DLY TA 3 6.42 0.64 -22.57
CB DLY TA 3 3.41 0.57 -22.43
CG DLY TA 3 3.40 0.59 -20.93
CD DLY TA 3 2.42 1.62 -20.39
CE DLY TA 3 2.25 1.52 -18.89
NZ DLY TA 3 3.52 1.76 -18.17
N DIL TA 4 6.12 -1.40 -21.65
CA DIL TA 4 7.39 -1.43 -20.94
C DIL TA 4 7.09 -1.68 -19.47
O DIL TA 4 6.48 -2.70 -19.11
CB DIL TA 4 8.32 -2.52 -21.47
CG1 DIL TA 4 8.86 -2.13 -22.85
CG2 DIL TA 4 9.44 -2.79 -20.50
CD1 DIL TA 4 9.82 -3.14 -23.43
N DVA TA 5 7.55 -0.78 -18.60
CA DVA TA 5 7.45 -0.95 -17.16
CB DVA TA 5 6.50 0.08 -16.53
CG1 DVA TA 5 6.66 1.41 -17.22
CG2 DVA TA 5 6.82 0.22 -15.07
C DVA TA 5 8.84 -0.84 -16.58
O DVA TA 5 9.54 0.16 -16.79
N DTR TA 6 9.27 -1.86 -15.85
CA DTR TA 6 10.60 -1.93 -15.28
CB DTR TA 6 11.35 -3.17 -15.76
CG DTR TA 6 12.43 -3.61 -14.84
CD1 DTR TA 6 12.37 -4.63 -13.94
NE1 DTR TA 6 13.56 -4.74 -13.26
CE2 DTR TA 6 14.40 -3.75 -13.70
CZ2 DTR TA 6 15.71 -3.45 -13.32
CH2 DTR TA 6 16.32 -2.41 -13.94
CZ3 DTR TA 6 15.68 -1.66 -14.92
CE3 DTR TA 6 14.39 -1.96 -15.31
CD2 DTR TA 6 13.73 -3.03 -14.70
C DTR TA 6 10.51 -1.94 -13.76
O DTR TA 6 9.90 -2.85 -13.19
N DAR TA 7 11.09 -0.93 -13.14
CA DAR TA 7 11.13 -0.78 -11.68
CB DAR TA 7 11.90 -1.92 -11.02
CG DAR TA 7 12.68 -1.50 -9.79
CD DAR TA 7 13.21 -2.69 -9.02
NE DAR TA 7 14.24 -3.43 -9.73
CZ DAR TA 7 15.54 -3.23 -9.58
NH1 DAR TA 7 16.02 -2.29 -8.79
NH2 DAR TA 7 16.40 -4.01 -10.26
C DAR TA 7 9.72 -0.69 -11.10
O DAR TA 7 8.72 -0.74 -11.80
OXT DAR TA 7 9.57 -0.53 -9.89
N DTH UA 1 21.50 -10.11 -12.87
CA DTH UA 1 20.47 -10.75 -13.68
CB DTH UA 1 21.06 -11.86 -14.56
CG2 DTH UA 1 22.11 -12.64 -13.80
OG1 DTH UA 1 21.68 -11.26 -15.72
C DTH UA 1 19.76 -9.75 -14.57
O DTH UA 1 20.32 -8.73 -14.94
N DLE UA 2 18.52 -10.07 -14.92
CA DLE UA 2 17.70 -9.24 -15.79
CB DLE UA 2 16.52 -8.66 -15.01
CG DLE UA 2 15.59 -7.64 -15.67
CD1 DLE UA 2 14.47 -8.32 -16.44
CD2 DLE UA 2 16.38 -6.73 -16.59
C DLE UA 2 17.24 -10.10 -16.95
O DLE UA 2 16.61 -11.14 -16.74
N DLY UA 3 17.55 -9.67 -18.16
CA DLY UA 3 17.13 -10.38 -19.37
C DLY UA 3 16.42 -9.42 -20.32
O DLY UA 3 16.98 -8.38 -20.67
CB DLY UA 3 18.32 -11.03 -20.07
CG DLY UA 3 18.02 -11.54 -21.46
CD DLY UA 3 19.19 -12.32 -22.03
CE DLY UA 3 18.92 -12.76 -23.45
NZ DLY UA 3 18.82 -11.61 -24.38
N DIL UA 4 15.22 -9.79 -20.73
CA DIL UA 4 14.44 -9.02 -21.69
C DIL UA 4 14.11 -9.93 -22.87
O DIL UA 4 13.52 -11.00 -22.68
CB DIL UA 4 13.14 -8.48 -21.09
CG1 DIL UA 4 13.42 -7.78 -19.77
CG2 DIL UA 4 12.42 -7.58 -22.08
CD1 DIL UA 4 14.40 -6.66 -19.86
N DVA UA 5 14.47 -9.51 -24.08
CA DVA UA 5 14.06 -10.19 -25.29
CB DVA UA 5 15.26 -10.76 -26.07
CG1 DVA UA 5 14.88 -10.98 -27.51
CG2 DVA UA 5 15.73 -12.04 -25.44
C DVA UA 5 13.28 -9.20 -26.16
O DVA UA 5 13.80 -8.13 -26.50
N DTR UA 6 12.05 -9.55 -26.49
CA DTR UA 6 11.24 -8.77 -27.43
CB DTR UA 6 9.99 -8.20 -26.77
CG DTR UA 6 9.09 -7.53 -27.76
CD1 DTR UA 6 9.37 -6.42 -28.47
NE1 DTR UA 6 8.32 -6.09 -29.28
CE2 DTR UA 6 7.33 -7.01 -29.09
CZ2 DTR UA 6 6.07 -7.10 -29.68
CH2 DTR UA 6 5.27 -8.14 -29.31
CZ3 DTR UA 6 5.69 -9.07 -28.36
CE3 DTR UA 6 6.94 -8.98 -27.78
CD2 DTR UA 6 7.78 -7.94 -28.14
C DTR UA 6 10.83 -9.66 -28.59
O DTR UA 6 10.26 -10.74 -28.38
N DAR UA 7 11.10 -9.20 -29.81
CA DAR UA 7 10.66 -9.92 -30.99
CB DAR UA 7 11.86 -10.46 -31.77
CG DAR UA 7 12.80 -11.29 -30.91
CD DAR UA 7 13.88 -11.94 -31.76
NE DAR UA 7 14.87 -12.61 -30.92
CZ DAR UA 7 16.02 -12.07 -30.57
NH1 DAR UA 7 16.39 -10.87 -30.98
NH2 DAR UA 7 16.84 -12.76 -29.77
C DAR UA 7 9.82 -9.03 -31.89
O DAR UA 7 8.75 -9.42 -32.36
OXT DAR UA 7 10.18 -7.88 -32.17
N DTH VA 1 28.41 -6.66 23.53
CA DTH VA 1 26.96 -6.58 23.42
CB DTH VA 1 26.47 -7.02 22.03
CG2 DTH VA 1 27.35 -8.14 21.51
OG1 DTH VA 1 26.52 -5.91 21.14
C DTH VA 1 26.49 -5.15 23.68
O DTH VA 1 27.20 -4.20 23.39
N DLE VA 2 25.31 -5.01 24.26
CA DLE VA 2 24.74 -3.70 24.54
CB DLE VA 2 24.58 -3.48 26.04
CG DLE VA 2 23.62 -2.33 26.38
CD1 DLE VA 2 24.20 -1.01 25.94
CD2 DLE VA 2 23.28 -2.31 27.85
C DLE VA 2 23.40 -3.60 23.86
O DLE VA 2 22.50 -4.42 24.10
N DLY VA 3 23.24 -2.59 23.02
CA DLY VA 3 21.96 -2.29 22.38
C DLY VA 3 21.56 -0.88 22.74
O DLY VA 3 22.30 0.07 22.47
CB DLY VA 3 22.06 -2.46 20.87
CG DLY VA 3 20.81 -2.01 20.14
CD DLY VA 3 20.92 -2.29 18.65
CE DLY VA 3 19.67 -1.82 17.93
NZ DLY VA 3 19.74 -2.10 16.47
N DIL VA 4 20.38 -0.74 23.33
CA DIL VA 4 19.81 0.56 23.69
C DIL VA 4 18.46 0.68 23.01
O DIL VA 4 17.57 -0.15 23.24
CB DIL VA 4 19.67 0.72 25.20
CG1 DIL VA 4 21.03 0.80 25.87
CG2 DIL VA 4 18.84 1.95 25.53
CD1 DIL VA 4 20.96 1.02 27.36
N DVA VA 5 18.27 1.74 22.24
CA DVA VA 5 17.00 2.04 21.61
CB DVA VA 5 17.06 1.87 20.09
CG1 DVA VA 5 15.79 2.37 19.44
CG2 DVA VA 5 17.32 0.43 19.73
C DVA VA 5 16.60 3.46 21.99
O DVA VA 5 17.36 4.41 21.74
N DTR VA 6 15.40 3.61 22.55
CA DTR VA 6 14.85 4.92 22.87
CB DTR VA 6 14.83 5.17 24.38
CG DTR VA 6 13.96 6.34 24.74
CD1 DTR VA 6 14.25 7.66 24.58
NE1 DTR VA 6 13.21 8.43 25.04
CE2 DTR VA 6 12.23 7.60 25.50
CZ2 DTR VA 6 10.99 7.91 26.06
CH2 DTR VA 6 10.20 6.87 26.44
CZ3 DTR VA 6 10.61 5.55 26.29
CE3 DTR VA 6 11.82 5.23 25.74
CD2 DTR VA 6 12.66 6.28 25.34
C DTR VA 6 13.44 5.02 22.32
O DTR VA 6 12.61 4.14 22.57
N DAR VA 7 13.15 6.12 21.64
CA DAR VA 7 11.88 6.28 20.95
CB DAR VA 7 12.02 6.02 19.45
CG DAR VA 7 12.78 4.75 19.09
CD DAR VA 7 12.82 4.56 17.58
NE DAR VA 7 11.49 4.30 17.03
CZ DAR VA 7 11.18 4.33 15.75
NH1 DAR VA 7 12.09 4.64 14.83
NH2 DAR VA 7 9.94 4.05 15.36
C DAR VA 7 11.29 7.66 21.17
O DAR VA 7 10.23 7.83 21.77
OXT DAR VA 7 11.88 8.65 20.73
N DTH WA 1 12.74 14.94 32.56
CA DTH WA 1 12.82 13.48 32.61
CB DTH WA 1 12.71 12.97 34.05
CG2 DTH WA 1 11.66 13.74 34.81
OG1 DTH WA 1 13.97 13.12 34.71
C DTH WA 1 14.13 13.00 32.02
O DTH WA 1 15.04 13.79 31.76
N DLE WA 2 14.22 11.70 31.78
CA DLE WA 2 15.38 11.08 31.19
CB DLE WA 2 15.09 10.57 29.79
CG DLE WA 2 16.26 9.83 29.13
CD1 DLE WA 2 17.35 10.82 28.79
CD2 DLE WA 2 15.81 9.08 27.89
C DLE WA 2 15.84 9.93 32.08
O DLE WA 2 15.04 9.03 32.39
N DLY WA 3 17.10 9.95 32.49
CA DLY WA 3 17.69 8.86 33.24
C DLY WA 3 18.90 8.34 32.49
O DLY WA 3 19.82 9.10 32.18
CB DLY WA 3 18.08 9.31 34.65
CG DLY WA 3 16.98 9.12 35.67
CD DLY WA 3 17.34 9.76 37.00
CE DLY WA 3 17.28 11.27 36.91
NZ DLY WA 3 15.94 11.73 36.48
N DIL WA 4 18.91 7.04 32.23
CA DIL WA 4 20.01 6.36 31.57
C DIL WA 4 20.52 5.27 32.49
O DIL WA 4 19.75 4.35 32.85
CB DIL WA 4 19.57 5.75 30.23
CG1 DIL WA 4 18.85 6.78 29.39
CG2 DIL WA 4 20.75 5.14 29.51
CD1 DIL WA 4 19.64 8.03 29.16
N DVA WA 5 21.79 5.32 32.84
CA DVA WA 5 22.40 4.28 33.66
CB DVA WA 5 22.71 4.80 35.08
CG1 DVA WA 5 21.45 4.86 35.90
CG2 DVA WA 5 23.35 6.17 35.02
C DVA WA 5 23.67 3.80 32.97
O DVA WA 5 24.55 4.59 32.64
N DTR WA 6 23.77 2.49 32.78
CA DTR WA 6 24.97 1.87 32.25
CB DTR WA 6 24.74 1.27 30.86
CG DTR WA 6 25.97 0.67 30.25
CD1 DTR WA 6 27.01 1.35 29.69
NE1 DTR WA 6 27.95 0.47 29.22
CE2 DTR WA 6 27.53 -0.80 29.48
CZ2 DTR WA 6 28.14 -2.03 29.20
CH2 DTR WA 6 27.47 -3.16 29.57
CZ3 DTR WA 6 26.24 -3.10 30.22
CE3 DTR WA 6 25.63 -1.89 30.50
CD2 DTR WA 6 26.28 -0.71 30.12
C DTR WA 6 25.45 0.79 33.21
O DTR WA 6 24.66 -0.08 33.59
N DAR WA 7 26.72 0.85 33.58
CA DAR WA 7 27.29 -0.14 34.49
CB DAR WA 7 27.55 0.50 35.85
CG DAR WA 7 26.31 1.07 36.52
CD DAR WA 7 26.60 1.45 37.95
NE DAR WA 7 25.40 1.89 38.65
CZ DAR WA 7 25.03 3.16 38.80
NH1 DAR WA 7 25.76 4.15 38.31
NH2 DAR WA 7 23.92 3.44 39.46
C DAR WA 7 28.57 -0.74 33.93
O DAR WA 7 28.82 -1.93 34.04
OXT DAR WA 7 29.41 -0.03 33.36
N DTH XA 1 -18.29 20.71 -19.95
CA DTH XA 1 -18.09 19.33 -20.37
CB DTH XA 1 -18.09 18.38 -19.16
CG2 DTH XA 1 -16.91 18.69 -18.27
OG1 DTH XA 1 -17.96 17.03 -19.63
C DTH XA 1 -16.79 19.16 -21.13
O DTH XA 1 -16.04 20.10 -21.30
N DLE XA 2 -16.54 17.94 -21.60
CA DLE XA 2 -15.34 17.66 -22.38
CB DLE XA 2 -15.68 17.34 -23.83
CG DLE XA 2 -14.50 16.75 -24.59
CD1 DLE XA 2 -13.43 17.80 -24.78
CD2 DLE XA 2 -14.95 16.18 -25.92
C DLE XA 2 -14.61 16.47 -21.75
O DLE XA 2 -15.18 15.39 -21.63
N DLY XA 3 -13.34 16.68 -21.40
CA DLY XA 3 -12.48 15.61 -20.94
C DLY XA 3 -11.29 15.52 -21.89
O DLY XA 3 -10.58 16.52 -22.09
CB DLY XA 3 -12.01 15.86 -19.52
CG DLY XA 3 -13.12 16.14 -18.54
CD DLY XA 3 -12.57 16.30 -17.13
CE DLY XA 3 -13.68 16.58 -16.13
NZ DLY XA 3 -14.36 17.86 -16.40
N DIL XA 4 -11.08 14.36 -22.47
CA DIL XA 4 -9.98 14.11 -23.40
C DIL XA 4 -9.17 12.94 -22.89
O DIL XA 4 -9.72 11.84 -22.73
CB DIL XA 4 -10.48 13.84 -24.82
CG1 DIL XA 4 -11.00 15.12 -25.46
CG2 DIL XA 4 -9.38 13.22 -25.66
CD1 DIL XA 4 -11.58 14.92 -26.83
N DVA XA 5 -7.88 13.15 -22.68
CA DVA XA 5 -6.97 12.08 -22.28
CB DVA XA 5 -6.53 12.23 -20.82
CG1 DVA XA 5 -6.27 13.67 -20.50
CG2 DVA XA 5 -5.28 11.41 -20.59
C DVA XA 5 -5.78 12.12 -23.22
O DVA XA 5 -5.15 13.16 -23.38
N DTR XA 6 -5.47 10.98 -23.81
CA DTR XA 6 -4.31 10.85 -24.68
CB DTR XA 6 -4.73 10.59 -26.14
CG DTR XA 6 -3.58 10.44 -27.06
CD1 DTR XA 6 -2.59 11.33 -27.30
NE1 DTR XA 6 -1.71 10.84 -28.23
CE2 DTR XA 6 -2.13 9.59 -28.61
CZ2 DTR XA 6 -1.57 8.71 -29.52
CH2 DTR XA 6 -2.22 7.52 -29.70
CZ3 DTR XA 6 -3.40 7.20 -29.01
CE3 DTR XA 6 -3.94 8.09 -28.12
CD2 DTR XA 6 -3.31 9.31 -27.90
C DTR XA 6 -3.46 9.71 -24.17
O DTR XA 6 -3.95 8.60 -23.97
N DAR XA 7 -2.17 9.98 -23.98
CA DAR XA 7 -1.29 9.00 -23.37
CB DAR XA 7 -1.07 9.32 -21.90
CG DAR XA 7 -0.13 8.36 -21.19
CD DAR XA 7 0.11 8.78 -19.75
NE DAR XA 7 -1.11 8.81 -18.97
CZ DAR XA 7 -1.79 9.90 -18.67
NH1 DAR XA 7 -1.40 11.10 -19.09
NH2 DAR XA 7 -2.89 9.80 -17.94
C DAR XA 7 0.05 8.93 -24.10
O DAR XA 7 0.65 7.87 -24.24
OXT DAR XA 7 0.56 9.95 -24.56
N DTH YA 1 -20.52 15.47 -32.04
CA DTH YA 1 -19.17 15.54 -32.60
CB DTH YA 1 -19.21 15.63 -34.14
CG2 DTH YA 1 -20.07 14.52 -34.71
OG1 DTH YA 1 -17.88 15.49 -34.64
C DTH YA 1 -18.34 14.34 -32.22
O DTH YA 1 -18.85 13.23 -32.11
N DLE YA 2 -17.05 14.58 -32.00
CA DLE YA 2 -16.11 13.52 -31.67
CB DLE YA 2 -15.66 13.62 -30.22
CG DLE YA 2 -14.42 12.82 -29.82
CD1 DLE YA 2 -14.63 12.19 -28.46
CD2 DLE YA 2 -13.22 13.73 -29.79
C DLE YA 2 -14.92 13.62 -32.62
O DLE YA 2 -14.32 14.69 -32.75
N DLY YA 3 -14.59 12.51 -33.26
CA DLY YA 3 -13.44 12.43 -34.14
C DLY YA 3 -12.50 11.36 -33.62
O DLY YA 3 -12.90 10.20 -33.44
CB DLY YA 3 -13.86 12.11 -35.57
CG DLY YA 3 -12.71 11.76 -36.48
CD DLY YA 3 -13.21 11.18 -37.80
CE DLY YA 3 -12.06 10.69 -38.66
NZ DLY YA 3 -12.53 9.97 -39.88
N DIL YA 4 -11.25 11.73 -33.39
CA DIL YA 4 -10.20 10.82 -32.95
C DIL YA 4 -9.14 10.78 -34.03
O DIL YA 4 -8.48 11.79 -34.29
CB DIL YA 4 -9.58 11.23 -31.62
CG1 DIL YA 4 -10.66 11.51 -30.58
CG2 DIL YA 4 -8.63 10.16 -31.12
CD1 DIL YA 4 -11.60 10.37 -30.38
N DVA YA 5 -8.93 9.61 -34.63
CA DVA YA 5 -7.86 9.43 -35.60
CB DVA YA 5 -8.39 9.18 -37.02
CG1 DVA YA 5 -9.67 8.38 -36.96
CG2 DVA YA 5 -7.35 8.46 -37.85
C DVA YA 5 -7.00 8.28 -35.13
O DVA YA 5 -7.49 7.15 -34.96
N DTR YA 6 -5.71 8.54 -34.94
CA DTR YA 6 -4.74 7.51 -34.59
CB DTR YA 6 -4.14 7.74 -33.21
CG DTR YA 6 -3.16 6.67 -32.83
CD1 DTR YA 6 -3.42 5.55 -32.09
NE1 DTR YA 6 -2.28 4.81 -31.96
CE2 DTR YA 6 -1.25 5.42 -32.62
CZ2 DTR YA 6 0.07 5.04 -32.78
CH2 DTR YA 6 0.88 5.87 -33.51
CZ3 DTR YA 6 0.40 7.04 -34.08
CE3 DTR YA 6 -0.92 7.43 -33.92
CD2 DTR YA 6 -1.78 6.60 -33.18
C DTR YA 6 -3.65 7.50 -35.64
O DTR YA 6 -3.03 8.54 -35.90
N DAR YA 7 -3.39 6.34 -36.21
CA DAR YA 7 -2.29 6.19 -37.16
CB DAR YA 7 -2.81 5.78 -38.53
CG DAR YA 7 -1.78 5.06 -39.39
CD DAR YA 7 -2.24 4.94 -40.84
NE DAR YA 7 -1.92 6.13 -41.62
CZ DAR YA 7 -2.28 6.32 -42.87
NH1 DAR YA 7 -1.92 7.45 -43.49
NH2 DAR YA 7 -2.99 5.43 -43.54
C DAR YA 7 -1.30 5.16 -36.63
O DAR YA 7 -1.70 4.13 -36.10
OXT DAR YA 7 -0.09 5.34 -36.70
N DTH ZA 1 -3.24 1.69 -36.21
CA DTH ZA 1 -4.70 1.65 -36.25
CB DTH ZA 1 -5.21 1.62 -37.70
CG2 DTH ZA 1 -6.68 1.28 -37.72
OG1 DTH ZA 1 -4.49 0.65 -38.44
C DTH ZA 1 -5.28 2.84 -35.52
O DTH ZA 1 -4.79 3.96 -35.65
N DLE ZA 2 -6.30 2.59 -34.72
CA DLE ZA 2 -6.97 3.64 -33.96
CB DLE ZA 2 -6.71 3.50 -32.46
CG DLE ZA 2 -7.57 4.38 -31.56
CD1 DLE ZA 2 -6.72 5.10 -30.55
CD2 DLE ZA 2 -8.61 3.55 -30.85
C DLE ZA 2 -8.46 3.56 -34.23
O DLE ZA 2 -9.07 2.49 -34.09
N DLY ZA 3 -9.04 4.68 -34.64
CA DLY ZA 3 -10.47 4.78 -34.86
C DLY ZA 3 -11.03 5.91 -34.00
O DLY ZA 3 -10.54 7.04 -34.07
CB DLY ZA 3 -10.80 5.01 -36.33
CG DLY ZA 3 -10.21 3.96 -37.26
CD DLY ZA 3 -10.53 4.27 -38.72
CE DLY ZA 3 -10.07 3.17 -39.66
NZ DLY ZA 3 -8.59 3.07 -39.77
N DIL ZA 4 -12.04 5.59 -33.20
CA DIL ZA 4 -12.74 6.57 -32.37
C DIL ZA 4 -14.17 6.64 -32.86
O DIL ZA 4 -14.90 5.64 -32.81
CB DIL ZA 4 -12.71 6.18 -30.89
CG1 DIL ZA 4 -11.29 5.85 -30.45
CG2 DIL ZA 4 -13.34 7.27 -30.04
CD1 DIL ZA 4 -10.30 6.93 -30.73
N DVA ZA 5 -14.61 7.82 -33.29
CA DVA ZA 5 -15.99 8.03 -33.67
CB DVA ZA 5 -16.13 8.43 -35.15
CG1 DVA ZA 5 -17.58 8.70 -35.48
CG2 DVA ZA 5 -15.56 7.34 -36.04
C DVA ZA 5 -16.58 9.12 -32.77
O DVA ZA 5 -16.10 10.26 -32.79
N DTR ZA 6 -17.63 8.78 -32.04
CA DTR ZA 6 -18.36 9.74 -31.23
CB DTR ZA 6 -18.24 9.44 -29.73
CG DTR ZA 6 -19.35 10.03 -28.93
CD1 DTR ZA 6 -20.51 9.42 -28.57
NE1 DTR ZA 6 -21.29 10.28 -27.83
CE2 DTR ZA 6 -20.62 11.46 -27.70
CZ2 DTR ZA 6 -21.00 12.63 -27.04
CH2 DTR ZA 6 -20.13 13.69 -27.06
CZ3 DTR ZA 6 -18.91 13.60 -27.73
CE3 DTR ZA 6 -18.53 12.44 -28.39
CD2 DTR ZA 6 -19.40 11.35 -28.37
C DTR ZA 6 -19.82 9.75 -31.63
O DTR ZA 6 -20.48 8.71 -31.57
N DAR ZA 7 -20.33 10.93 -31.97
CA DAR ZA 7 -21.74 11.09 -32.26
CB DAR ZA 7 -21.96 11.39 -33.74
CG DAR ZA 7 -21.38 10.34 -34.67
CD DAR ZA 7 -21.46 10.80 -36.10
NE DAR ZA 7 -20.64 9.96 -36.97
CZ DAR ZA 7 -20.45 10.19 -38.26
NH1 DAR ZA 7 -21.02 11.20 -38.87
NH2 DAR ZA 7 -19.67 9.36 -38.96
C DAR ZA 7 -22.37 12.19 -31.42
O DAR ZA 7 -23.55 12.16 -31.10
OXT DAR ZA 7 -21.68 13.14 -31.02
#